data_7NYA
#
_entry.id   7NYA
#
_cell.length_a   66.584
_cell.length_b   103.294
_cell.length_c   108.118
_cell.angle_alpha   90.000
_cell.angle_beta   90.000
_cell.angle_gamma   90.000
#
_symmetry.space_group_name_H-M   'P 21 21 21'
#
loop_
_entity.id
_entity.type
_entity.pdbx_description
1 polymer 'Branched-chain-amino-acid aminotransferase, cytosolic'
2 non-polymer 3-[4-chloranyl-3-(2-methylphenoxy)naphthalen-1-yl]-6-(trifluoromethyl)-5~{H}-pyrimidine-2,4-dione
3 non-polymer "PYRIDOXAL-5'-PHOSPHATE"
4 non-polymer 'MAGNESIUM ION'
5 water water
#
_entity_poly.entity_id   1
_entity_poly.type   'polypeptide(L)'
_entity_poly.pdbx_seq_one_letter_code
;GPGMKDCSNGCSAECTGEGGSKEVVGTFKAKDLIVTPATILKEKPDPNNLVFGTVFTDHMLTVEWSSEFGWEKPHIKPLQ
NLSLHPGSSALHYAVELFEGLKAFRGVDNKIRLFQPNLNMDRMYRSAVRATLPVFDKEELLECIQQLVKLDQEWVPYSTS
ASLYIRPTFIGTEPSLGVKKPTKALLFVLLSPVGPYFSSGTFNPVSLWANPKYVRAWKGGTGDCKMGGNYGSSLFAQCEA
VDNGCQQVLWLYGEDHQITEVGTMNLFLYWINEDGEEELATPPLDGIILPGVTRRCILDLAHQWGEFKVSERYLTMDDLT
TALEGNRVREMFGSGTACVVCPVSDILYKGETIHIPTMENGPKLASRILSKLTDIQYGREERDWTIVLS
;
_entity_poly.pdbx_strand_id   A,B
#
loop_
_chem_comp.id
_chem_comp.type
_chem_comp.name
_chem_comp.formula
MG non-polymer 'MAGNESIUM ION' 'Mg 2'
PLP non-polymer PYRIDOXAL-5'-PHOSPHATE 'C8 H10 N O6 P'
UUZ non-polymer 3-[4-chloranyl-3-(2-methylphenoxy)naphthalen-1-yl]-6-(trifluoromethyl)-5~{H}-pyrimidine-2,4-dione 'C22 H14 Cl F3 N2 O3'
#
# COMPACT_ATOMS: atom_id res chain seq x y z
N GLY A 26 -8.88 -9.34 22.71
CA GLY A 26 -10.06 -8.71 23.31
C GLY A 26 -10.59 -7.55 22.47
N THR A 27 -11.26 -6.61 23.13
CA THR A 27 -11.97 -5.51 22.44
C THR A 27 -12.18 -4.33 23.40
N PHE A 28 -12.25 -3.12 22.85
CA PHE A 28 -12.88 -1.96 23.51
C PHE A 28 -14.39 -2.22 23.59
N LYS A 29 -15.04 -1.55 24.54
CA LYS A 29 -16.49 -1.72 24.80
C LYS A 29 -17.16 -0.35 24.70
N ALA A 30 -18.30 -0.29 24.00
CA ALA A 30 -19.10 0.94 23.83
C ALA A 30 -19.49 1.48 25.21
N LYS A 31 -19.73 0.59 26.17
CA LYS A 31 -20.18 0.98 27.53
C LYS A 31 -19.08 1.79 28.24
N ASP A 32 -17.83 1.73 27.78
CA ASP A 32 -16.70 2.48 28.40
C ASP A 32 -16.47 3.82 27.67
N LEU A 33 -17.27 4.15 26.66
CA LEU A 33 -17.10 5.39 25.84
C LEU A 33 -16.91 6.58 26.77
N ILE A 34 -15.86 7.36 26.52
CA ILE A 34 -15.63 8.68 27.16
C ILE A 34 -15.96 9.74 26.11
N VAL A 35 -16.94 10.60 26.40
CA VAL A 35 -17.44 11.64 25.45
C VAL A 35 -16.98 13.02 25.93
N THR A 36 -16.17 13.69 25.13
CA THR A 36 -15.69 15.08 25.37
C THR A 36 -16.32 15.97 24.31
N PRO A 37 -17.47 16.62 24.59
CA PRO A 37 -18.15 17.41 23.57
C PRO A 37 -17.35 18.66 23.20
N ALA A 38 -17.42 19.07 21.94
CA ALA A 38 -16.87 20.36 21.44
C ALA A 38 -17.62 21.48 22.13
N THR A 39 -16.96 22.58 22.45
CA THR A 39 -17.59 23.79 23.02
C THR A 39 -17.85 24.81 21.90
N ILE A 40 -17.13 24.71 20.79
CA ILE A 40 -17.29 25.61 19.60
C ILE A 40 -17.68 24.72 18.42
N LEU A 41 -18.80 25.01 17.76
CA LEU A 41 -19.35 24.13 16.70
C LEU A 41 -19.08 24.81 15.35
N LYS A 42 -18.79 24.05 14.30
CA LYS A 42 -18.59 24.58 12.93
C LYS A 42 -19.96 24.81 12.27
N GLU A 43 -20.02 25.75 11.34
CA GLU A 43 -21.20 26.01 10.47
C GLU A 43 -21.42 24.78 9.59
N LYS A 44 -22.66 24.28 9.51
CA LYS A 44 -23.02 23.18 8.58
C LYS A 44 -22.98 23.71 7.15
N PRO A 45 -22.48 22.91 6.17
CA PRO A 45 -22.43 23.35 4.80
C PRO A 45 -23.80 23.25 4.15
N ASP A 46 -23.96 23.92 3.01
CA ASP A 46 -25.14 23.81 2.12
C ASP A 46 -25.21 22.41 1.54
N PRO A 47 -26.30 21.63 1.77
CA PRO A 47 -26.43 20.28 1.23
C PRO A 47 -26.41 20.16 -0.31
N ASN A 48 -26.57 21.27 -1.03
CA ASN A 48 -26.57 21.34 -2.51
C ASN A 48 -25.16 21.63 -3.04
N ASN A 49 -24.20 21.91 -2.15
CA ASN A 49 -22.89 22.52 -2.49
C ASN A 49 -21.74 21.70 -1.88
N LEU A 50 -21.90 20.39 -1.64
CA LEU A 50 -20.89 19.57 -0.91
C LEU A 50 -19.92 18.93 -1.90
N VAL A 51 -18.62 19.12 -1.69
CA VAL A 51 -17.54 18.37 -2.39
C VAL A 51 -17.17 17.19 -1.50
N PHE A 52 -17.11 15.98 -2.05
CA PHE A 52 -16.82 14.73 -1.30
C PHE A 52 -15.51 14.87 -0.51
N GLY A 53 -15.57 14.52 0.77
CA GLY A 53 -14.40 14.24 1.62
C GLY A 53 -13.66 15.48 2.08
N THR A 54 -14.19 16.69 1.88
CA THR A 54 -13.48 17.96 2.17
C THR A 54 -14.00 18.59 3.47
N VAL A 55 -15.24 18.32 3.84
CA VAL A 55 -15.88 18.90 5.06
C VAL A 55 -15.99 17.79 6.12
N PHE A 56 -15.55 18.06 7.35
CA PHE A 56 -15.59 17.11 8.48
C PHE A 56 -16.47 17.71 9.58
N THR A 57 -17.15 16.82 10.31
CA THR A 57 -18.08 17.19 11.42
C THR A 57 -17.26 17.62 12.65
N ASP A 58 -17.92 17.87 13.78
CA ASP A 58 -17.29 18.47 14.99
C ASP A 58 -16.49 17.41 15.78
N HIS A 59 -16.91 16.15 15.74
CA HIS A 59 -16.40 15.07 16.61
C HIS A 59 -15.84 13.89 15.80
N MET A 60 -14.99 13.10 16.44
CA MET A 60 -14.35 11.88 15.89
C MET A 60 -14.33 10.82 16.99
N LEU A 61 -14.19 9.55 16.61
CA LEU A 61 -13.95 8.42 17.54
C LEU A 61 -12.46 8.05 17.46
N THR A 62 -11.81 7.86 18.62
CA THR A 62 -10.43 7.32 18.69
C THR A 62 -10.40 6.18 19.71
N VAL A 63 -9.67 5.12 19.40
CA VAL A 63 -9.38 3.99 20.34
C VAL A 63 -7.92 3.57 20.15
N GLU A 64 -7.12 3.66 21.24
CA GLU A 64 -5.71 3.22 21.24
C GLU A 64 -5.63 1.72 21.52
N TRP A 65 -4.66 1.06 20.91
CA TRP A 65 -4.28 -0.35 21.20
C TRP A 65 -2.77 -0.47 21.41
N SER A 66 -2.36 -1.36 22.32
CA SER A 66 -0.95 -1.81 22.44
C SER A 66 -0.96 -3.32 22.64
N SER A 67 0.08 -4.02 22.18
CA SER A 67 0.26 -5.47 22.44
C SER A 67 0.38 -5.68 23.95
N GLU A 68 0.95 -4.71 24.68
CA GLU A 68 1.26 -4.85 26.12
C GLU A 68 -0.03 -4.91 26.94
N PHE A 69 -1.00 -4.04 26.66
CA PHE A 69 -2.20 -3.84 27.51
C PHE A 69 -3.50 -4.03 26.74
N GLY A 70 -3.45 -4.16 25.41
CA GLY A 70 -4.64 -4.33 24.58
C GLY A 70 -5.35 -3.02 24.30
N TRP A 71 -6.67 -3.09 24.15
CA TRP A 71 -7.51 -1.93 23.75
C TRP A 71 -7.76 -1.02 24.94
N GLU A 72 -7.51 0.26 24.75
CA GLU A 72 -7.87 1.32 25.72
CA GLU A 72 -7.87 1.33 25.71
C GLU A 72 -9.36 1.66 25.52
N LYS A 73 -9.93 2.47 26.41
CA LYS A 73 -11.37 2.86 26.32
C LYS A 73 -11.56 3.73 25.08
N PRO A 74 -12.71 3.62 24.37
CA PRO A 74 -12.96 4.47 23.20
C PRO A 74 -13.38 5.88 23.61
N HIS A 75 -12.98 6.87 22.81
CA HIS A 75 -13.21 8.32 23.04
C HIS A 75 -13.95 8.92 21.85
N ILE A 76 -15.06 9.62 22.12
CA ILE A 76 -15.66 10.60 21.19
C ILE A 76 -15.21 11.97 21.68
N LYS A 77 -14.47 12.69 20.86
CA LYS A 77 -13.89 14.00 21.23
C LYS A 77 -13.89 14.89 20.00
N PRO A 78 -13.58 16.20 20.16
CA PRO A 78 -13.51 17.09 19.03
C PRO A 78 -12.49 16.62 17.99
N LEU A 79 -12.85 16.76 16.72
CA LEU A 79 -11.98 16.49 15.57
C LEU A 79 -10.65 17.20 15.84
N GLN A 80 -9.53 16.48 15.69
CA GLN A 80 -8.18 17.00 15.99
C GLN A 80 -7.17 16.32 15.06
N ASN A 81 -6.04 16.96 14.85
CA ASN A 81 -4.84 16.31 14.27
C ASN A 81 -4.45 15.10 15.13
N LEU A 82 -3.91 14.09 14.47
CA LEU A 82 -3.24 12.95 15.12
C LEU A 82 -1.80 13.36 15.40
N SER A 83 -1.30 13.03 16.59
CA SER A 83 0.13 13.18 16.96
C SER A 83 0.77 11.80 16.81
N LEU A 84 1.55 11.59 15.75
CA LEU A 84 2.14 10.28 15.40
C LEU A 84 3.65 10.40 15.44
N HIS A 85 4.30 9.41 16.02
CA HIS A 85 5.77 9.21 15.85
C HIS A 85 6.03 9.15 14.35
N PRO A 86 7.05 9.88 13.84
CA PRO A 86 7.33 9.88 12.40
C PRO A 86 7.76 8.52 11.87
N GLY A 87 8.15 7.60 12.76
CA GLY A 87 8.44 6.20 12.42
C GLY A 87 7.20 5.31 12.35
N SER A 88 6.00 5.82 12.61
CA SER A 88 4.72 5.05 12.61
C SER A 88 4.60 4.21 11.33
N SER A 89 4.33 2.91 11.45
CA SER A 89 4.39 1.95 10.32
C SER A 89 3.33 2.29 9.28
N ALA A 90 2.26 3.01 9.66
CA ALA A 90 1.20 3.44 8.71
C ALA A 90 1.82 4.36 7.65
N LEU A 91 2.84 5.14 8.02
CA LEU A 91 3.53 6.14 7.15
C LEU A 91 4.58 5.50 6.26
N HIS A 92 5.15 4.34 6.65
CA HIS A 92 6.30 3.71 5.95
C HIS A 92 5.86 2.49 5.13
N TYR A 93 5.01 1.62 5.70
CA TYR A 93 4.71 0.29 5.12
C TYR A 93 3.21 0.14 4.95
N ALA A 94 2.46 1.25 4.93
CA ALA A 94 1.01 1.25 4.64
C ALA A 94 0.30 0.22 5.54
N VAL A 95 0.66 0.20 6.82
CA VAL A 95 0.00 -0.67 7.83
C VAL A 95 -1.29 0.05 8.20
N GLU A 96 -2.32 -0.13 7.36
CA GLU A 96 -3.54 0.70 7.42
C GLU A 96 -4.66 0.04 6.61
N LEU A 97 -5.89 0.29 7.04
CA LEU A 97 -7.09 -0.08 6.29
C LEU A 97 -8.17 0.93 6.64
N PHE A 98 -9.25 0.91 5.86
CA PHE A 98 -10.40 1.82 6.08
C PHE A 98 -11.67 1.10 5.70
N GLU A 99 -12.77 1.73 6.06
CA GLU A 99 -14.12 1.37 5.57
C GLU A 99 -14.79 2.65 5.09
N GLY A 100 -15.91 2.47 4.40
CA GLY A 100 -16.74 3.55 3.86
C GLY A 100 -18.18 3.10 3.91
N LEU A 101 -19.00 3.84 4.63
CA LEU A 101 -20.44 3.56 4.72
C LEU A 101 -21.15 4.88 5.01
N LYS A 102 -22.47 4.90 4.86
CA LYS A 102 -23.26 6.16 4.88
C LYS A 102 -24.40 6.05 5.89
N ALA A 103 -24.69 7.17 6.54
CA ALA A 103 -25.95 7.42 7.29
C ALA A 103 -26.85 8.30 6.41
N PHE A 104 -28.13 7.96 6.32
CA PHE A 104 -29.14 8.67 5.49
C PHE A 104 -30.24 9.25 6.37
N ARG A 105 -30.51 10.56 6.24
CA ARG A 105 -31.70 11.21 6.83
C ARG A 105 -32.90 10.86 5.94
N GLY A 106 -33.87 10.13 6.50
CA GLY A 106 -34.98 9.53 5.73
C GLY A 106 -36.03 10.59 5.41
N VAL A 107 -36.96 10.26 4.51
CA VAL A 107 -38.13 11.11 4.19
C VAL A 107 -38.95 11.33 5.48
N ASP A 108 -38.85 10.40 6.44
CA ASP A 108 -39.53 10.48 7.77
C ASP A 108 -38.62 11.16 8.78
N ASN A 109 -37.46 11.65 8.35
CA ASN A 109 -36.48 12.39 9.18
C ASN A 109 -35.82 11.45 10.20
N LYS A 110 -35.96 10.12 10.06
CA LYS A 110 -35.19 9.13 10.84
C LYS A 110 -33.87 8.84 10.11
N ILE A 111 -32.77 8.82 10.85
CA ILE A 111 -31.41 8.58 10.28
C ILE A 111 -31.20 7.07 10.29
N ARG A 112 -30.81 6.51 9.14
CA ARG A 112 -30.65 5.05 8.94
C ARG A 112 -29.21 4.75 8.52
N LEU A 113 -28.66 3.66 9.03
CA LEU A 113 -27.49 2.99 8.43
C LEU A 113 -28.02 1.91 7.48
N PHE A 114 -27.22 1.57 6.47
CA PHE A 114 -27.55 0.63 5.39
C PHE A 114 -26.48 -0.46 5.40
N GLN A 115 -26.87 -1.68 5.78
CA GLN A 115 -26.01 -2.90 5.78
C GLN A 115 -24.72 -2.68 6.54
N PRO A 116 -24.69 -1.98 7.71
CA PRO A 116 -23.42 -1.63 8.34
C PRO A 116 -22.65 -2.85 8.87
N ASN A 117 -23.36 -3.94 9.18
CA ASN A 117 -22.73 -5.19 9.65
C ASN A 117 -21.80 -5.74 8.57
N LEU A 118 -22.14 -5.56 7.30
CA LEU A 118 -21.26 -6.01 6.17
C LEU A 118 -19.96 -5.22 6.19
N ASN A 119 -20.00 -3.92 6.49
CA ASN A 119 -18.75 -3.10 6.56
C ASN A 119 -17.92 -3.59 7.75
N MET A 120 -18.55 -3.92 8.87
CA MET A 120 -17.85 -4.39 10.09
C MET A 120 -17.17 -5.73 9.78
N ASP A 121 -17.87 -6.65 9.09
CA ASP A 121 -17.31 -7.95 8.66
C ASP A 121 -16.05 -7.72 7.82
N ARG A 122 -16.12 -6.83 6.82
CA ARG A 122 -15.02 -6.58 5.85
C ARG A 122 -13.86 -5.91 6.61
N MET A 123 -14.15 -4.98 7.53
CA MET A 123 -13.10 -4.28 8.31
C MET A 123 -12.33 -5.27 9.19
N TYR A 124 -13.04 -6.17 9.88
CA TYR A 124 -12.44 -7.23 10.73
C TYR A 124 -11.52 -8.11 9.88
N ARG A 125 -12.01 -8.57 8.73
CA ARG A 125 -11.23 -9.43 7.79
C ARG A 125 -9.99 -8.69 7.30
N SER A 126 -10.12 -7.42 6.94
CA SER A 126 -8.99 -6.55 6.51
C SER A 126 -7.96 -6.43 7.63
N ALA A 127 -8.40 -6.23 8.89
CA ALA A 127 -7.49 -6.13 10.06
C ALA A 127 -6.62 -7.39 10.15
N VAL A 128 -7.27 -8.57 10.11
CA VAL A 128 -6.58 -9.88 10.15
C VAL A 128 -5.54 -9.91 9.02
N ARG A 129 -5.91 -9.56 7.80
CA ARG A 129 -5.00 -9.63 6.62
C ARG A 129 -3.85 -8.62 6.77
N ALA A 130 -4.09 -7.50 7.45
CA ALA A 130 -3.09 -6.43 7.68
C ALA A 130 -2.17 -6.73 8.87
N THR A 131 -2.52 -7.71 9.71
CA THR A 131 -1.87 -8.05 11.01
C THR A 131 -2.16 -6.95 12.05
N LEU A 132 -3.23 -6.18 11.85
CA LEU A 132 -3.72 -5.25 12.92
C LEU A 132 -4.58 -6.05 13.90
N PRO A 133 -4.73 -5.61 15.17
CA PRO A 133 -5.45 -6.38 16.16
C PRO A 133 -6.95 -6.47 15.85
N VAL A 134 -7.57 -7.59 16.20
CA VAL A 134 -9.04 -7.76 16.03
C VAL A 134 -9.74 -7.02 17.18
N PHE A 135 -11.05 -6.81 16.99
CA PHE A 135 -11.97 -6.07 17.88
C PHE A 135 -13.35 -6.68 17.69
N ASP A 136 -14.26 -6.37 18.60
CA ASP A 136 -15.65 -6.85 18.55
C ASP A 136 -16.41 -5.92 17.60
N LYS A 137 -16.87 -6.46 16.48
CA LYS A 137 -17.63 -5.76 15.41
C LYS A 137 -18.87 -5.05 15.99
N GLU A 138 -19.58 -5.69 16.92
CA GLU A 138 -20.82 -5.09 17.50
C GLU A 138 -20.42 -3.88 18.35
N GLU A 139 -19.29 -3.95 19.06
CA GLU A 139 -18.82 -2.83 19.93
C GLU A 139 -18.45 -1.65 19.03
N LEU A 140 -17.78 -1.91 17.91
CA LEU A 140 -17.35 -0.82 17.00
C LEU A 140 -18.60 -0.17 16.42
N LEU A 141 -19.55 -0.99 15.92
CA LEU A 141 -20.79 -0.48 15.30
C LEU A 141 -21.52 0.40 16.33
N GLU A 142 -21.59 -0.02 17.59
CA GLU A 142 -22.28 0.79 18.64
C GLU A 142 -21.52 2.11 18.87
N CYS A 143 -20.20 2.09 18.93
CA CYS A 143 -19.37 3.33 19.06
C CYS A 143 -19.66 4.26 17.87
N ILE A 144 -19.73 3.70 16.65
CA ILE A 144 -20.02 4.49 15.42
C ILE A 144 -21.42 5.14 15.57
N GLN A 145 -22.41 4.39 16.05
CA GLN A 145 -23.79 4.92 16.21
C GLN A 145 -23.80 6.08 17.20
N GLN A 146 -23.07 5.97 18.32
CA GLN A 146 -23.00 7.04 19.34
C GLN A 146 -22.33 8.29 18.74
N LEU A 147 -21.30 8.10 17.90
CA LEU A 147 -20.59 9.24 17.24
C LEU A 147 -21.56 9.97 16.30
N VAL A 148 -22.23 9.23 15.43
CA VAL A 148 -23.22 9.77 14.44
C VAL A 148 -24.35 10.46 15.21
N LYS A 149 -24.82 9.87 16.31
CA LYS A 149 -25.92 10.44 17.12
C LYS A 149 -25.48 11.80 17.66
N LEU A 150 -24.26 11.91 18.17
CA LEU A 150 -23.78 13.20 18.73
C LEU A 150 -23.71 14.23 17.59
N ASP A 151 -23.23 13.84 16.40
CA ASP A 151 -23.09 14.75 15.24
C ASP A 151 -24.26 14.59 14.26
N GLN A 152 -25.46 14.23 14.73
CA GLN A 152 -26.57 13.82 13.83
C GLN A 152 -27.07 15.00 12.99
N GLU A 153 -26.93 16.24 13.46
CA GLU A 153 -27.39 17.44 12.69
C GLU A 153 -26.52 17.64 11.45
N TRP A 154 -25.38 16.94 11.36
CA TRP A 154 -24.50 16.93 10.16
C TRP A 154 -25.04 15.99 9.09
N VAL A 155 -25.95 15.08 9.43
CA VAL A 155 -26.58 14.20 8.41
C VAL A 155 -27.47 15.10 7.57
N PRO A 156 -27.14 15.36 6.28
CA PRO A 156 -27.79 16.40 5.50
C PRO A 156 -29.32 16.31 5.41
N TYR A 157 -29.94 17.48 5.43
CA TYR A 157 -31.40 17.65 5.20
C TYR A 157 -31.62 17.69 3.69
N SER A 158 -31.49 16.54 3.04
CA SER A 158 -31.62 16.36 1.58
C SER A 158 -31.68 14.86 1.26
N THR A 159 -32.62 14.46 0.41
CA THR A 159 -32.84 13.06 0.00
C THR A 159 -31.88 12.66 -1.12
N SER A 160 -30.91 13.52 -1.47
CA SER A 160 -29.81 13.16 -2.41
C SER A 160 -28.44 13.31 -1.75
N ALA A 161 -28.40 13.60 -0.44
CA ALA A 161 -27.14 13.76 0.33
C ALA A 161 -27.12 12.76 1.50
N SER A 162 -25.95 12.59 2.09
CA SER A 162 -25.75 11.61 3.18
C SER A 162 -24.54 12.02 4.03
N LEU A 163 -24.32 11.30 5.13
CA LEU A 163 -23.12 11.46 5.97
C LEU A 163 -22.20 10.26 5.72
N TYR A 164 -21.02 10.51 5.17
CA TYR A 164 -20.00 9.47 4.92
C TYR A 164 -19.27 9.20 6.24
N ILE A 165 -19.17 7.92 6.57
CA ILE A 165 -18.54 7.39 7.79
C ILE A 165 -17.25 6.69 7.34
N ARG A 166 -16.12 7.12 7.89
CA ARG A 166 -14.77 6.63 7.50
C ARG A 166 -14.08 6.06 8.73
N PRO A 167 -14.36 4.78 9.08
CA PRO A 167 -13.53 4.06 10.04
C PRO A 167 -12.15 3.83 9.38
N THR A 168 -11.10 4.05 10.18
CA THR A 168 -9.69 4.02 9.73
C THR A 168 -8.91 3.32 10.83
N PHE A 169 -7.91 2.54 10.45
CA PHE A 169 -7.17 1.67 11.39
C PHE A 169 -5.70 1.66 10.95
N ILE A 170 -4.81 2.18 11.79
CA ILE A 170 -3.41 2.48 11.38
C ILE A 170 -2.44 1.90 12.41
N GLY A 171 -1.31 1.35 11.93
CA GLY A 171 -0.16 1.00 12.77
C GLY A 171 0.59 2.26 13.21
N THR A 172 0.87 2.39 14.51
CA THR A 172 1.50 3.59 15.11
C THR A 172 2.75 3.16 15.88
N GLU A 173 3.22 1.95 15.61
CA GLU A 173 4.52 1.39 16.07
C GLU A 173 5.65 2.36 15.73
N PRO A 174 6.37 2.96 16.71
CA PRO A 174 7.53 3.83 16.42
C PRO A 174 8.80 3.04 16.06
N SER A 175 8.75 2.29 14.98
CA SER A 175 9.84 1.39 14.54
C SER A 175 9.85 1.29 13.02
N LEU A 176 11.04 1.33 12.41
CA LEU A 176 11.23 1.13 10.95
C LEU A 176 11.29 -0.37 10.62
N GLY A 177 11.32 -1.25 11.62
CA GLY A 177 11.32 -2.70 11.36
C GLY A 177 10.06 -3.07 10.60
N VAL A 178 10.15 -3.92 9.58
CA VAL A 178 8.96 -4.40 8.83
C VAL A 178 8.38 -5.57 9.64
N LYS A 179 7.34 -5.29 10.42
CA LYS A 179 6.82 -6.23 11.44
C LYS A 179 5.34 -5.94 11.72
N LYS A 180 4.64 -6.96 12.23
CA LYS A 180 3.32 -6.82 12.90
C LYS A 180 3.44 -5.67 13.91
N PRO A 181 2.53 -4.68 13.89
CA PRO A 181 2.64 -3.57 14.83
C PRO A 181 2.27 -4.00 16.25
N THR A 182 2.89 -3.34 17.23
CA THR A 182 2.61 -3.53 18.68
C THR A 182 1.84 -2.30 19.21
N LYS A 183 1.51 -1.37 18.33
CA LYS A 183 0.79 -0.13 18.69
C LYS A 183 -0.11 0.22 17.50
N ALA A 184 -1.35 0.62 17.75
CA ALA A 184 -2.29 0.95 16.66
C ALA A 184 -3.32 1.94 17.18
N LEU A 185 -3.96 2.63 16.24
CA LEU A 185 -5.06 3.58 16.48
C LEU A 185 -6.20 3.25 15.53
N LEU A 186 -7.39 3.04 16.08
CA LEU A 186 -8.65 2.96 15.31
C LEU A 186 -9.38 4.29 15.49
N PHE A 187 -9.73 4.98 14.41
CA PHE A 187 -10.46 6.27 14.47
C PHE A 187 -11.56 6.29 13.42
N VAL A 188 -12.56 7.12 13.64
CA VAL A 188 -13.70 7.29 12.71
C VAL A 188 -13.89 8.78 12.47
N LEU A 189 -13.92 9.17 11.19
CA LEU A 189 -14.26 10.53 10.71
C LEU A 189 -15.66 10.50 10.09
N LEU A 190 -16.36 11.63 10.19
CA LEU A 190 -17.67 11.87 9.53
C LEU A 190 -17.52 13.03 8.55
N SER A 191 -18.13 12.94 7.38
CA SER A 191 -17.99 13.94 6.30
C SER A 191 -19.27 13.95 5.46
N PRO A 192 -20.05 15.06 5.42
CA PRO A 192 -21.26 15.10 4.62
C PRO A 192 -20.89 15.09 3.14
N VAL A 193 -21.71 14.41 2.34
CA VAL A 193 -21.49 14.26 0.87
C VAL A 193 -22.81 14.54 0.15
N GLY A 194 -22.73 15.24 -0.97
CA GLY A 194 -23.90 15.55 -1.84
C GLY A 194 -24.15 14.41 -2.80
N PRO A 195 -25.03 14.62 -3.82
CA PRO A 195 -25.24 13.61 -4.86
C PRO A 195 -23.95 13.40 -5.68
N TYR A 196 -23.67 12.16 -6.09
CA TYR A 196 -22.48 11.80 -6.91
C TYR A 196 -22.49 12.64 -8.20
N PHE A 197 -23.67 12.78 -8.82
CA PHE A 197 -23.93 13.71 -9.96
C PHE A 197 -24.66 14.94 -9.42
N SER A 198 -24.02 16.11 -9.44
CA SER A 198 -24.56 17.40 -8.90
C SER A 198 -25.92 17.71 -9.51
N SER A 199 -26.15 17.36 -10.78
CA SER A 199 -27.46 17.50 -11.49
C SER A 199 -28.53 16.72 -10.72
N GLY A 200 -28.20 15.51 -10.26
CA GLY A 200 -29.09 14.60 -9.50
C GLY A 200 -29.60 13.45 -10.35
N THR A 201 -29.14 13.37 -11.60
CA THR A 201 -29.58 12.40 -12.64
C THR A 201 -28.35 11.62 -13.12
N PHE A 202 -28.54 10.57 -13.94
CA PHE A 202 -27.45 9.77 -14.56
C PHE A 202 -26.60 10.62 -15.52
N ASN A 203 -25.29 10.72 -15.25
CA ASN A 203 -24.29 11.25 -16.21
C ASN A 203 -23.33 10.10 -16.54
N PRO A 204 -23.50 9.42 -17.69
CA PRO A 204 -22.74 8.21 -17.96
C PRO A 204 -21.23 8.50 -18.05
N VAL A 205 -20.41 7.53 -17.62
CA VAL A 205 -18.94 7.73 -17.56
C VAL A 205 -18.26 7.07 -18.76
N SER A 206 -17.20 7.72 -19.25
CA SER A 206 -16.19 7.16 -20.18
C SER A 206 -15.07 6.53 -19.35
N LEU A 207 -14.66 5.32 -19.73
CA LEU A 207 -13.62 4.54 -19.01
C LEU A 207 -12.35 4.49 -19.85
N TRP A 208 -11.21 4.64 -19.17
CA TRP A 208 -9.85 4.45 -19.69
C TRP A 208 -9.37 3.03 -19.34
N ALA A 209 -9.21 2.18 -20.35
CA ALA A 209 -8.76 0.78 -20.24
C ALA A 209 -7.34 0.65 -20.82
N ASN A 210 -6.34 0.67 -19.93
CA ASN A 210 -4.91 0.49 -20.30
C ASN A 210 -4.41 -0.74 -19.54
N PRO A 211 -4.09 -1.87 -20.21
CA PRO A 211 -3.66 -3.08 -19.52
C PRO A 211 -2.28 -2.94 -18.85
N LYS A 212 -1.57 -1.85 -19.14
CA LYS A 212 -0.25 -1.54 -18.54
C LYS A 212 -0.35 -1.50 -17.01
N TYR A 213 -1.49 -1.09 -16.45
CA TYR A 213 -1.69 -0.96 -14.98
C TYR A 213 -2.58 -2.08 -14.49
N VAL A 214 -2.19 -2.68 -13.37
CA VAL A 214 -2.95 -3.78 -12.72
C VAL A 214 -3.19 -3.38 -11.27
N ARG A 215 -4.45 -3.23 -10.90
CA ARG A 215 -4.89 -2.82 -9.54
C ARG A 215 -4.54 -3.90 -8.51
N ALA A 216 -4.69 -5.17 -8.86
CA ALA A 216 -4.65 -6.29 -7.88
C ALA A 216 -4.30 -7.58 -8.60
N TRP A 217 -3.68 -8.50 -7.86
CA TRP A 217 -3.13 -9.77 -8.37
C TRP A 217 -3.61 -10.92 -7.50
N LYS A 218 -3.69 -12.12 -8.06
CA LYS A 218 -3.95 -13.36 -7.28
C LYS A 218 -2.80 -13.45 -6.27
N GLY A 219 -3.13 -13.60 -4.99
CA GLY A 219 -2.14 -13.67 -3.89
C GLY A 219 -1.87 -12.31 -3.28
N GLY A 220 -2.62 -11.29 -3.73
CA GLY A 220 -2.54 -9.92 -3.18
C GLY A 220 -3.69 -9.65 -2.22
N THR A 221 -3.98 -8.37 -1.97
CA THR A 221 -4.91 -7.89 -0.94
C THR A 221 -6.08 -7.15 -1.60
N GLY A 222 -6.33 -7.41 -2.89
CA GLY A 222 -7.34 -6.68 -3.69
C GLY A 222 -8.74 -6.85 -3.15
N ASP A 223 -9.00 -7.90 -2.37
CA ASP A 223 -10.35 -8.21 -1.83
C ASP A 223 -10.53 -7.63 -0.42
N CYS A 224 -9.59 -6.79 0.05
CA CYS A 224 -9.61 -6.07 1.36
C CYS A 224 -9.51 -4.58 1.11
N LYS A 225 -9.98 -3.76 2.06
CA LYS A 225 -9.87 -2.27 1.99
C LYS A 225 -8.58 -1.83 2.69
N MET A 226 -7.46 -2.39 2.27
CA MET A 226 -6.13 -2.02 2.82
C MET A 226 -5.62 -0.84 1.97
N GLY A 227 -5.09 0.20 2.64
CA GLY A 227 -4.67 1.45 1.98
C GLY A 227 -3.76 1.21 0.79
N GLY A 228 -2.86 0.21 0.89
CA GLY A 228 -1.89 -0.11 -0.17
C GLY A 228 -2.52 -0.42 -1.51
N ASN A 229 -3.77 -0.87 -1.52
CA ASN A 229 -4.52 -1.19 -2.76
C ASN A 229 -4.80 0.07 -3.59
N TYR A 230 -4.72 1.28 -3.02
CA TYR A 230 -5.25 2.52 -3.63
C TYR A 230 -4.13 3.48 -4.07
N GLY A 231 -2.97 3.48 -3.41
CA GLY A 231 -1.92 4.47 -3.63
C GLY A 231 -1.39 4.40 -5.04
N SER A 232 -1.36 3.17 -5.56
CA SER A 232 -0.86 2.79 -6.89
C SER A 232 -1.76 3.32 -8.00
N SER A 233 -3.00 3.71 -7.68
CA SER A 233 -4.10 3.97 -8.64
C SER A 233 -4.24 5.47 -8.97
N LEU A 234 -3.61 6.37 -8.23
CA LEU A 234 -3.76 7.84 -8.46
C LEU A 234 -3.19 8.19 -9.85
N PHE A 235 -2.05 7.60 -10.19
CA PHE A 235 -1.34 7.87 -11.46
C PHE A 235 -2.23 7.47 -12.64
N ALA A 236 -2.89 6.31 -12.53
CA ALA A 236 -3.75 5.73 -13.58
C ALA A 236 -4.96 6.66 -13.79
N GLN A 237 -5.54 7.17 -12.71
CA GLN A 237 -6.70 8.10 -12.78
C GLN A 237 -6.27 9.41 -13.45
N CYS A 238 -5.10 9.96 -13.11
CA CYS A 238 -4.56 11.16 -13.80
C CYS A 238 -4.43 10.87 -15.30
N GLU A 239 -3.99 9.68 -15.69
CA GLU A 239 -3.88 9.30 -17.13
C GLU A 239 -5.29 9.25 -17.74
N ALA A 240 -6.27 8.63 -17.06
CA ALA A 240 -7.66 8.56 -17.55
C ALA A 240 -8.15 9.99 -17.87
N VAL A 241 -8.05 10.90 -16.90
CA VAL A 241 -8.51 12.31 -17.03
C VAL A 241 -7.76 12.97 -18.18
N ASP A 242 -6.45 12.74 -18.32
CA ASP A 242 -5.61 13.31 -19.41
C ASP A 242 -6.15 12.87 -20.76
N ASN A 243 -6.82 11.71 -20.85
CA ASN A 243 -7.37 11.16 -22.11
C ASN A 243 -8.89 11.34 -22.16
N GLY A 244 -9.42 12.29 -21.38
CA GLY A 244 -10.83 12.71 -21.39
C GLY A 244 -11.77 11.67 -20.83
N CYS A 245 -11.30 10.71 -19.99
CA CYS A 245 -12.19 9.73 -19.32
C CYS A 245 -12.39 10.15 -17.85
N GLN A 246 -13.46 9.66 -17.21
CA GLN A 246 -13.79 9.99 -15.80
C GLN A 246 -13.25 8.92 -14.85
N GLN A 247 -13.18 7.66 -15.31
CA GLN A 247 -12.77 6.52 -14.45
C GLN A 247 -11.80 5.60 -15.21
N VAL A 248 -11.06 4.82 -14.45
CA VAL A 248 -10.23 3.70 -14.97
C VAL A 248 -11.10 2.45 -15.08
N LEU A 249 -11.01 1.72 -16.18
CA LEU A 249 -11.44 0.31 -16.24
C LEU A 249 -10.21 -0.54 -15.96
N TRP A 250 -10.21 -1.22 -14.82
CA TRP A 250 -9.10 -2.11 -14.36
C TRP A 250 -9.13 -3.43 -15.13
N LEU A 251 -8.09 -3.69 -15.92
CA LEU A 251 -7.96 -4.93 -16.72
C LEU A 251 -6.98 -5.88 -16.01
N TYR A 252 -7.22 -7.17 -16.17
CA TYR A 252 -6.40 -8.22 -15.54
C TYR A 252 -6.11 -9.35 -16.52
N GLY A 253 -4.83 -9.71 -16.60
CA GLY A 253 -4.38 -10.99 -17.18
C GLY A 253 -4.22 -10.88 -18.67
N GLU A 254 -3.74 -11.95 -19.28
CA GLU A 254 -3.38 -12.00 -20.73
CA GLU A 254 -3.39 -11.97 -20.74
C GLU A 254 -4.66 -11.86 -21.59
N ASP A 255 -5.82 -12.20 -21.03
CA ASP A 255 -7.14 -12.17 -21.72
C ASP A 255 -7.83 -10.81 -21.51
N HIS A 256 -7.23 -9.86 -20.81
CA HIS A 256 -7.84 -8.53 -20.51
C HIS A 256 -9.25 -8.70 -19.93
N GLN A 257 -9.35 -9.41 -18.81
CA GLN A 257 -10.58 -9.44 -17.98
C GLN A 257 -10.91 -8.02 -17.53
N ILE A 258 -12.18 -7.65 -17.58
CA ILE A 258 -12.69 -6.38 -17.00
C ILE A 258 -13.09 -6.70 -15.56
N THR A 259 -12.58 -5.94 -14.59
CA THR A 259 -12.67 -6.31 -13.16
C THR A 259 -13.51 -5.31 -12.38
N GLU A 260 -13.07 -4.05 -12.38
CA GLU A 260 -13.67 -2.96 -11.57
C GLU A 260 -13.66 -1.67 -12.37
N VAL A 261 -14.67 -0.85 -12.12
CA VAL A 261 -14.83 0.54 -12.66
C VAL A 261 -14.33 1.52 -11.59
N GLY A 262 -13.09 1.97 -11.70
CA GLY A 262 -12.45 2.81 -10.67
C GLY A 262 -12.51 2.12 -9.31
N THR A 263 -13.16 2.73 -8.31
CA THR A 263 -13.34 2.15 -6.95
C THR A 263 -14.66 1.37 -6.87
N MET A 264 -15.30 1.09 -8.00
CA MET A 264 -16.65 0.46 -8.04
C MET A 264 -16.59 -0.95 -8.61
N ASN A 265 -17.52 -1.80 -8.20
CA ASN A 265 -17.77 -3.13 -8.81
C ASN A 265 -18.44 -2.93 -10.18
N LEU A 266 -18.25 -3.87 -11.08
CA LEU A 266 -18.63 -3.78 -12.52
C LEU A 266 -19.76 -4.77 -12.79
N PHE A 267 -20.85 -4.30 -13.39
CA PHE A 267 -22.00 -5.15 -13.79
C PHE A 267 -22.25 -5.00 -15.29
N LEU A 268 -22.54 -6.13 -15.93
CA LEU A 268 -22.87 -6.18 -17.37
C LEU A 268 -24.20 -6.90 -17.51
N TYR A 269 -25.18 -6.21 -18.10
CA TYR A 269 -26.54 -6.73 -18.37
C TYR A 269 -26.60 -6.94 -19.87
N TRP A 270 -26.73 -8.21 -20.28
CA TRP A 270 -26.53 -8.60 -21.70
C TRP A 270 -27.26 -9.92 -22.00
N ILE A 271 -27.26 -10.27 -23.27
CA ILE A 271 -27.57 -11.63 -23.77
C ILE A 271 -26.24 -12.35 -23.84
N ASN A 272 -26.09 -13.45 -23.10
CA ASN A 272 -24.80 -14.17 -23.00
C ASN A 272 -24.60 -15.00 -24.27
N GLU A 273 -23.54 -15.81 -24.30
CA GLU A 273 -23.11 -16.61 -25.49
C GLU A 273 -24.16 -17.70 -25.80
N ASP A 274 -24.96 -18.09 -24.81
CA ASP A 274 -26.00 -19.15 -24.92
C ASP A 274 -27.34 -18.51 -25.30
N GLY A 275 -27.38 -17.20 -25.56
CA GLY A 275 -28.61 -16.51 -25.97
C GLY A 275 -29.53 -16.20 -24.79
N GLU A 276 -29.03 -16.26 -23.55
CA GLU A 276 -29.84 -16.03 -22.32
C GLU A 276 -29.62 -14.61 -21.80
N GLU A 277 -30.71 -13.95 -21.40
CA GLU A 277 -30.68 -12.65 -20.67
C GLU A 277 -29.95 -12.88 -19.34
N GLU A 278 -28.93 -12.07 -19.03
CA GLU A 278 -27.98 -12.37 -17.91
C GLU A 278 -27.44 -11.08 -17.33
N LEU A 279 -27.41 -11.00 -16.00
CA LEU A 279 -26.64 -9.98 -15.24
C LEU A 279 -25.34 -10.65 -14.80
N ALA A 280 -24.20 -10.17 -15.29
CA ALA A 280 -22.88 -10.78 -15.07
C ALA A 280 -22.00 -9.81 -14.28
N THR A 281 -21.17 -10.34 -13.39
CA THR A 281 -20.21 -9.53 -12.61
C THR A 281 -19.02 -10.45 -12.34
N PRO A 282 -17.77 -9.92 -12.32
CA PRO A 282 -16.61 -10.75 -12.02
C PRO A 282 -16.75 -11.46 -10.68
N PRO A 283 -16.26 -12.72 -10.60
CA PRO A 283 -16.36 -13.52 -9.38
C PRO A 283 -15.30 -13.10 -8.35
N LEU A 284 -15.56 -13.43 -7.08
CA LEU A 284 -14.62 -13.10 -5.98
C LEU A 284 -13.48 -14.13 -5.99
N ASP A 285 -12.51 -13.99 -6.90
CA ASP A 285 -11.36 -14.93 -6.97
C ASP A 285 -10.10 -14.26 -6.39
N GLY A 286 -10.25 -13.19 -5.59
CA GLY A 286 -9.12 -12.53 -4.90
C GLY A 286 -8.78 -11.15 -5.43
N ILE A 287 -9.17 -10.77 -6.65
CA ILE A 287 -8.79 -9.47 -7.28
C ILE A 287 -9.97 -8.49 -7.28
N ILE A 288 -11.12 -8.88 -6.73
CA ILE A 288 -12.37 -8.06 -6.73
C ILE A 288 -12.69 -7.68 -5.28
N LEU A 289 -12.93 -6.41 -4.99
CA LEU A 289 -13.50 -6.05 -3.67
C LEU A 289 -14.93 -6.55 -3.58
N PRO A 290 -15.30 -7.35 -2.55
CA PRO A 290 -16.67 -7.73 -2.33
C PRO A 290 -17.45 -6.53 -1.76
N GLY A 291 -17.88 -5.63 -2.67
CA GLY A 291 -18.67 -4.45 -2.33
C GLY A 291 -19.97 -4.80 -1.63
N VAL A 292 -20.42 -3.91 -0.76
CA VAL A 292 -21.77 -3.97 -0.13
C VAL A 292 -22.82 -3.78 -1.24
N THR A 293 -22.65 -2.78 -2.11
CA THR A 293 -23.61 -2.52 -3.22
C THR A 293 -23.69 -3.77 -4.11
N ARG A 294 -22.54 -4.35 -4.43
CA ARG A 294 -22.42 -5.57 -5.28
C ARG A 294 -23.28 -6.67 -4.63
N ARG A 295 -23.15 -6.86 -3.33
CA ARG A 295 -23.88 -7.91 -2.56
C ARG A 295 -25.38 -7.64 -2.70
N CYS A 296 -25.80 -6.40 -2.49
CA CYS A 296 -27.24 -6.02 -2.52
C CYS A 296 -27.83 -6.31 -3.92
N ILE A 297 -27.09 -5.97 -4.97
CA ILE A 297 -27.57 -6.07 -6.38
C ILE A 297 -27.73 -7.54 -6.73
N LEU A 298 -26.75 -8.38 -6.35
CA LEU A 298 -26.82 -9.84 -6.59
C LEU A 298 -28.01 -10.39 -5.81
N ASP A 299 -28.21 -9.95 -4.56
CA ASP A 299 -29.33 -10.41 -3.70
C ASP A 299 -30.65 -10.06 -4.40
N LEU A 300 -30.78 -8.81 -4.88
CA LEU A 300 -32.02 -8.33 -5.57
C LEU A 300 -32.24 -9.17 -6.83
N ALA A 301 -31.20 -9.35 -7.64
CA ALA A 301 -31.31 -10.03 -8.96
C ALA A 301 -31.70 -11.49 -8.73
N HIS A 302 -31.14 -12.15 -7.73
CA HIS A 302 -31.56 -13.54 -7.34
C HIS A 302 -33.01 -13.51 -6.89
N GLN A 303 -33.38 -12.60 -5.99
CA GLN A 303 -34.76 -12.52 -5.42
C GLN A 303 -35.77 -12.34 -6.55
N TRP A 304 -35.50 -11.47 -7.53
CA TRP A 304 -36.47 -11.13 -8.60
C TRP A 304 -36.71 -12.37 -9.48
N GLY A 305 -35.66 -13.14 -9.76
CA GLY A 305 -35.75 -14.39 -10.54
C GLY A 305 -36.24 -14.15 -11.95
N GLU A 306 -35.87 -13.03 -12.57
CA GLU A 306 -36.35 -12.65 -13.92
C GLU A 306 -35.30 -12.98 -14.98
N PHE A 307 -34.04 -13.16 -14.60
CA PHE A 307 -32.96 -13.47 -15.59
C PHE A 307 -31.84 -14.20 -14.86
N LYS A 308 -30.94 -14.80 -15.64
CA LYS A 308 -29.76 -15.50 -15.12
C LYS A 308 -28.83 -14.47 -14.45
N VAL A 309 -28.23 -14.86 -13.33
CA VAL A 309 -27.28 -14.06 -12.54
C VAL A 309 -26.00 -14.89 -12.46
N SER A 310 -24.92 -14.42 -13.10
CA SER A 310 -23.64 -15.16 -13.20
C SER A 310 -22.48 -14.32 -12.66
N GLU A 311 -21.79 -14.88 -11.69
CA GLU A 311 -20.44 -14.42 -11.28
C GLU A 311 -19.46 -15.18 -12.15
N ARG A 312 -18.91 -14.49 -13.15
CA ARG A 312 -18.11 -15.13 -14.23
C ARG A 312 -17.10 -14.14 -14.77
N TYR A 313 -16.07 -14.66 -15.44
CA TYR A 313 -15.06 -13.81 -16.11
C TYR A 313 -15.71 -13.13 -17.31
N LEU A 314 -15.33 -11.88 -17.53
CA LEU A 314 -15.74 -11.06 -18.70
C LEU A 314 -14.47 -10.43 -19.24
N THR A 315 -14.15 -10.69 -20.51
CA THR A 315 -12.96 -10.11 -21.19
C THR A 315 -13.41 -9.00 -22.13
N MET A 316 -12.49 -8.11 -22.47
CA MET A 316 -12.74 -7.08 -23.50
C MET A 316 -13.25 -7.77 -24.77
N ASP A 317 -12.71 -8.94 -25.14
CA ASP A 317 -13.14 -9.68 -26.35
C ASP A 317 -14.58 -10.19 -26.20
N ASP A 318 -14.95 -10.72 -25.03
CA ASP A 318 -16.37 -11.09 -24.73
C ASP A 318 -17.28 -9.88 -25.02
N LEU A 319 -16.88 -8.71 -24.53
CA LEU A 319 -17.68 -7.47 -24.59
C LEU A 319 -17.80 -6.98 -26.03
N THR A 320 -16.69 -6.87 -26.78
CA THR A 320 -16.70 -6.35 -28.17
C THR A 320 -17.41 -7.35 -29.07
N THR A 321 -17.28 -8.66 -28.82
CA THR A 321 -18.05 -9.69 -29.56
C THR A 321 -19.54 -9.45 -29.33
N ALA A 322 -19.96 -9.24 -28.09
CA ALA A 322 -21.38 -9.04 -27.72
C ALA A 322 -21.90 -7.75 -28.37
N LEU A 323 -21.09 -6.68 -28.36
CA LEU A 323 -21.45 -5.36 -28.95
C LEU A 323 -21.72 -5.53 -30.45
N GLU A 324 -20.83 -6.23 -31.16
CA GLU A 324 -20.95 -6.53 -32.62
C GLU A 324 -22.26 -7.27 -32.86
N GLY A 325 -22.70 -8.11 -31.91
CA GLY A 325 -23.97 -8.86 -32.03
C GLY A 325 -25.18 -8.16 -31.42
N ASN A 326 -25.07 -6.89 -31.04
CA ASN A 326 -26.15 -6.10 -30.38
CA ASN A 326 -26.16 -6.10 -30.39
C ASN A 326 -26.72 -6.90 -29.20
N ARG A 327 -25.85 -7.54 -28.42
CA ARG A 327 -26.24 -8.38 -27.26
C ARG A 327 -26.11 -7.60 -25.94
N VAL A 328 -25.43 -6.45 -25.94
CA VAL A 328 -25.25 -5.65 -24.69
C VAL A 328 -26.44 -4.72 -24.50
N ARG A 329 -26.99 -4.73 -23.28
CA ARG A 329 -28.08 -3.80 -22.88
CA ARG A 329 -28.08 -3.80 -22.88
C ARG A 329 -27.48 -2.68 -22.03
N GLU A 330 -26.87 -3.02 -20.88
CA GLU A 330 -26.39 -2.01 -19.91
C GLU A 330 -25.07 -2.44 -19.29
N MET A 331 -24.18 -1.48 -19.01
CA MET A 331 -22.97 -1.66 -18.16
C MET A 331 -22.97 -0.55 -17.11
N PHE A 332 -22.78 -0.87 -15.84
CA PHE A 332 -22.71 0.15 -14.77
C PHE A 332 -21.75 -0.28 -13.66
N GLY A 333 -21.15 0.72 -13.02
CA GLY A 333 -20.43 0.55 -11.74
C GLY A 333 -21.41 0.62 -10.59
N SER A 334 -21.08 -0.03 -9.48
CA SER A 334 -21.83 0.06 -8.22
C SER A 334 -20.84 0.11 -7.05
N GLY A 335 -21.04 1.04 -6.13
CA GLY A 335 -20.24 1.19 -4.90
C GLY A 335 -20.86 2.25 -4.02
N THR A 336 -20.31 2.45 -2.83
CA THR A 336 -20.88 3.41 -1.84
C THR A 336 -20.91 4.81 -2.46
N ALA A 337 -19.94 5.14 -3.30
CA ALA A 337 -19.73 6.42 -3.98
C ALA A 337 -20.92 6.73 -4.89
N CYS A 338 -21.33 5.72 -5.65
CA CYS A 338 -22.33 5.83 -6.72
C CYS A 338 -23.05 4.48 -6.78
N VAL A 339 -24.22 4.45 -6.17
CA VAL A 339 -25.10 3.25 -6.08
C VAL A 339 -25.11 2.56 -7.44
N VAL A 340 -25.41 3.32 -8.50
CA VAL A 340 -25.44 2.83 -9.91
C VAL A 340 -24.83 3.93 -10.79
N CYS A 341 -23.73 3.63 -11.48
CA CYS A 341 -23.04 4.58 -12.38
C CYS A 341 -22.97 3.99 -13.78
N PRO A 342 -23.91 4.38 -14.66
CA PRO A 342 -23.92 3.90 -16.04
C PRO A 342 -22.64 4.25 -16.80
N VAL A 343 -22.21 3.33 -17.66
CA VAL A 343 -21.01 3.45 -18.53
C VAL A 343 -21.48 3.59 -19.97
N SER A 344 -21.00 4.61 -20.67
CA SER A 344 -21.38 4.90 -22.08
C SER A 344 -20.26 4.50 -23.04
N ASP A 345 -19.00 4.48 -22.59
CA ASP A 345 -17.85 4.34 -23.53
CA ASP A 345 -17.89 4.21 -23.54
C ASP A 345 -16.62 3.80 -22.80
N ILE A 346 -15.77 3.08 -23.53
CA ILE A 346 -14.46 2.55 -23.08
C ILE A 346 -13.42 2.91 -24.15
N LEU A 347 -12.32 3.56 -23.76
CA LEU A 347 -11.15 3.82 -24.64
C LEU A 347 -10.17 2.67 -24.45
N TYR A 348 -9.89 1.92 -25.52
CA TYR A 348 -9.13 0.65 -25.49
C TYR A 348 -8.44 0.47 -26.85
N LYS A 349 -7.11 0.29 -26.81
CA LYS A 349 -6.27 0.12 -28.00
C LYS A 349 -6.51 1.29 -28.97
N GLY A 350 -6.66 2.51 -28.44
CA GLY A 350 -6.74 3.75 -29.25
C GLY A 350 -8.10 3.94 -29.91
N GLU A 351 -9.12 3.14 -29.57
CA GLU A 351 -10.46 3.33 -30.16
C GLU A 351 -11.48 3.55 -29.03
N THR A 352 -12.49 4.37 -29.31
CA THR A 352 -13.59 4.65 -28.36
C THR A 352 -14.70 3.66 -28.67
N ILE A 353 -15.02 2.82 -27.71
CA ILE A 353 -15.99 1.71 -27.88
C ILE A 353 -17.25 2.14 -27.16
N HIS A 354 -18.34 2.29 -27.90
CA HIS A 354 -19.62 2.74 -27.33
C HIS A 354 -20.34 1.58 -26.64
N ILE A 355 -20.83 1.84 -25.43
CA ILE A 355 -21.71 0.89 -24.68
C ILE A 355 -23.10 1.49 -24.68
N PRO A 356 -24.14 0.76 -25.16
CA PRO A 356 -25.46 1.36 -25.39
C PRO A 356 -26.37 1.41 -24.13
N THR A 357 -25.76 1.54 -22.94
CA THR A 357 -26.47 1.62 -21.64
C THR A 357 -27.62 2.63 -21.72
N MET A 358 -27.31 3.87 -22.09
CA MET A 358 -28.29 4.99 -22.02
C MET A 358 -29.35 4.84 -23.12
N GLU A 359 -29.11 4.04 -24.18
CA GLU A 359 -30.12 3.77 -25.23
C GLU A 359 -31.06 2.64 -24.80
N ASN A 360 -30.82 1.98 -23.67
CA ASN A 360 -31.63 0.80 -23.27
C ASN A 360 -32.31 1.13 -21.93
N GLY A 361 -32.53 2.42 -21.68
CA GLY A 361 -33.29 2.93 -20.53
C GLY A 361 -32.48 4.01 -19.81
N PRO A 362 -31.49 3.63 -18.96
CA PRO A 362 -31.16 2.24 -18.67
C PRO A 362 -32.13 1.62 -17.64
N LYS A 363 -32.92 0.63 -18.07
CA LYS A 363 -34.06 0.09 -17.29
C LYS A 363 -33.58 -0.61 -16.00
N LEU A 364 -32.60 -1.52 -16.09
CA LEU A 364 -32.16 -2.30 -14.90
C LEU A 364 -31.43 -1.36 -13.93
N ALA A 365 -30.50 -0.55 -14.45
CA ALA A 365 -29.78 0.45 -13.67
C ALA A 365 -30.78 1.35 -12.93
N SER A 366 -31.84 1.80 -13.60
CA SER A 366 -32.86 2.71 -13.00
C SER A 366 -33.62 1.95 -11.90
N ARG A 367 -34.03 0.71 -12.16
CA ARG A 367 -34.78 -0.11 -11.19
C ARG A 367 -33.92 -0.30 -9.92
N ILE A 368 -32.63 -0.60 -10.09
CA ILE A 368 -31.72 -0.84 -8.94
C ILE A 368 -31.56 0.46 -8.16
N LEU A 369 -31.31 1.59 -8.85
CA LEU A 369 -31.12 2.89 -8.17
C LEU A 369 -32.37 3.21 -7.33
N SER A 370 -33.56 3.07 -7.93
CA SER A 370 -34.84 3.36 -7.26
C SER A 370 -34.96 2.51 -6.00
N LYS A 371 -34.73 1.20 -6.12
CA LYS A 371 -34.89 0.24 -5.01
C LYS A 371 -33.95 0.63 -3.86
N LEU A 372 -32.67 0.83 -4.14
CA LEU A 372 -31.67 1.00 -3.06
C LEU A 372 -31.87 2.35 -2.39
N THR A 373 -32.15 3.42 -3.16
CA THR A 373 -32.34 4.77 -2.59
C THR A 373 -33.65 4.79 -1.78
N ASP A 374 -34.68 4.08 -2.25
CA ASP A 374 -35.97 3.95 -1.51
C ASP A 374 -35.68 3.34 -0.14
N ILE A 375 -34.86 2.30 -0.08
CA ILE A 375 -34.50 1.61 1.19
C ILE A 375 -33.65 2.55 2.06
N GLN A 376 -32.61 3.15 1.50
CA GLN A 376 -31.68 4.04 2.23
C GLN A 376 -32.43 5.19 2.90
N TYR A 377 -33.42 5.81 2.22
CA TYR A 377 -34.13 7.03 2.69
C TYR A 377 -35.46 6.67 3.36
N GLY A 378 -35.69 5.39 3.62
CA GLY A 378 -36.84 4.90 4.41
C GLY A 378 -38.16 5.07 3.69
N ARG A 379 -38.16 5.15 2.36
CA ARG A 379 -39.41 5.18 1.54
C ARG A 379 -40.00 3.76 1.51
N GLU A 380 -39.22 2.75 1.87
CA GLU A 380 -39.77 1.39 2.12
C GLU A 380 -38.95 0.71 3.24
N GLU A 381 -39.63 -0.15 4.00
CA GLU A 381 -39.02 -0.92 5.12
C GLU A 381 -38.08 -1.95 4.52
N ARG A 382 -37.00 -2.27 5.24
CA ARG A 382 -36.04 -3.32 4.83
C ARG A 382 -35.27 -3.82 6.05
N ASP A 383 -34.92 -5.11 6.00
CA ASP A 383 -33.92 -5.75 6.89
C ASP A 383 -32.55 -5.05 6.72
N TRP A 384 -32.31 -4.37 5.60
CA TRP A 384 -30.97 -3.80 5.26
C TRP A 384 -30.71 -2.49 6.00
N THR A 385 -31.71 -1.90 6.63
CA THR A 385 -31.50 -0.62 7.34
C THR A 385 -31.75 -0.79 8.83
N ILE A 386 -31.04 0.03 9.59
CA ILE A 386 -31.18 0.16 11.07
C ILE A 386 -31.39 1.65 11.34
N VAL A 387 -32.40 1.98 12.13
CA VAL A 387 -32.62 3.37 12.61
C VAL A 387 -31.61 3.63 13.74
N LEU A 388 -30.96 4.80 13.71
CA LEU A 388 -29.80 5.11 14.58
C LEU A 388 -30.18 5.01 16.06
N SER A 389 -29.24 4.46 16.87
CA SER A 389 -29.26 4.36 18.35
C SER A 389 -29.75 5.67 18.97
N THR B 27 10.95 24.39 -5.97
CA THR B 27 11.54 23.27 -5.14
C THR B 27 12.49 23.84 -4.09
N PHE B 28 12.63 23.15 -2.96
CA PHE B 28 13.42 23.60 -1.79
C PHE B 28 14.93 23.53 -2.11
N LYS B 29 15.69 24.35 -1.40
CA LYS B 29 17.16 24.48 -1.53
C LYS B 29 17.80 24.26 -0.16
N ALA B 30 18.90 23.53 -0.13
CA ALA B 30 19.73 23.31 1.06
C ALA B 30 20.17 24.66 1.62
N LYS B 31 20.44 25.64 0.75
CA LYS B 31 20.96 26.95 1.21
C LYS B 31 19.88 27.69 2.03
N ASP B 32 18.61 27.28 1.95
CA ASP B 32 17.52 27.90 2.77
C ASP B 32 17.29 27.14 4.07
N LEU B 33 18.07 26.09 4.36
CA LEU B 33 17.90 25.24 5.58
C LEU B 33 17.75 26.14 6.80
N ILE B 34 16.71 25.91 7.58
CA ILE B 34 16.52 26.48 8.94
C ILE B 34 16.87 25.38 9.94
N VAL B 35 17.88 25.62 10.78
CA VAL B 35 18.42 24.62 11.73
C VAL B 35 18.02 25.04 13.14
N THR B 36 17.22 24.22 13.80
CA THR B 36 16.84 24.38 15.23
C THR B 36 17.47 23.23 16.00
N PRO B 37 18.67 23.40 16.58
CA PRO B 37 19.32 22.29 17.26
C PRO B 37 18.56 21.88 18.53
N ALA B 38 18.60 20.59 18.86
CA ALA B 38 18.08 20.02 20.12
C ALA B 38 18.89 20.64 21.25
N THR B 39 18.28 20.91 22.41
CA THR B 39 19.02 21.51 23.54
C THR B 39 19.52 20.39 24.47
N ILE B 40 18.85 19.24 24.49
CA ILE B 40 19.24 18.05 25.29
C ILE B 40 19.49 16.93 24.28
N LEU B 41 20.68 16.35 24.31
CA LEU B 41 21.04 15.25 23.39
C LEU B 41 20.82 13.92 24.12
N LYS B 42 20.36 12.91 23.40
CA LYS B 42 20.10 11.56 23.97
C LYS B 42 21.41 10.78 24.08
N GLU B 43 21.47 9.82 25.02
CA GLU B 43 22.60 8.86 25.07
C GLU B 43 22.51 7.93 23.86
N LYS B 44 23.65 7.73 23.20
CA LYS B 44 23.83 6.79 22.05
C LYS B 44 23.70 5.36 22.57
N PRO B 45 23.15 4.42 21.77
CA PRO B 45 23.04 3.03 22.18
C PRO B 45 24.38 2.31 22.07
N ASP B 46 24.52 1.16 22.74
CA ASP B 46 25.60 0.18 22.46
C ASP B 46 25.30 -0.44 21.09
N PRO B 47 26.21 -0.32 20.07
CA PRO B 47 25.92 -0.79 18.72
C PRO B 47 25.68 -2.31 18.59
N ASN B 48 26.09 -3.10 19.59
CA ASN B 48 25.99 -4.58 19.59
C ASN B 48 24.69 -5.02 20.29
N ASN B 49 23.92 -4.07 20.84
CA ASN B 49 22.62 -4.33 21.51
C ASN B 49 21.46 -3.65 20.76
N LEU B 50 21.63 -3.37 19.46
CA LEU B 50 20.68 -2.60 18.64
C LEU B 50 19.65 -3.54 18.01
N VAL B 51 18.37 -3.25 18.21
CA VAL B 51 17.24 -3.78 17.39
C VAL B 51 17.01 -2.77 16.26
N PHE B 52 16.98 -3.24 15.00
CA PHE B 52 16.89 -2.37 13.81
C PHE B 52 15.64 -1.48 13.94
N GLY B 53 15.82 -0.17 13.70
CA GLY B 53 14.74 0.78 13.44
C GLY B 53 14.00 1.22 14.68
N THR B 54 14.47 0.91 15.89
CA THR B 54 13.79 1.27 17.16
C THR B 54 14.46 2.49 17.82
N VAL B 55 15.72 2.75 17.49
CA VAL B 55 16.51 3.89 18.05
C VAL B 55 16.66 4.97 16.97
N PHE B 56 16.30 6.20 17.34
CA PHE B 56 16.37 7.38 16.45
C PHE B 56 17.34 8.39 17.07
N THR B 57 18.04 9.12 16.19
CA THR B 57 19.01 10.20 16.54
C THR B 57 18.25 11.43 17.06
N ASP B 58 18.95 12.54 17.31
CA ASP B 58 18.39 13.74 17.98
C ASP B 58 17.55 14.59 17.02
N HIS B 59 17.92 14.61 15.74
CA HIS B 59 17.38 15.57 14.72
C HIS B 59 16.73 14.84 13.55
N MET B 60 15.84 15.55 12.88
CA MET B 60 15.13 15.10 11.67
C MET B 60 15.11 16.25 10.67
N LEU B 61 14.94 15.93 9.38
CA LEU B 61 14.66 16.93 8.31
C LEU B 61 13.15 16.90 8.02
N THR B 62 12.51 18.07 7.93
CA THR B 62 11.11 18.20 7.44
C THR B 62 11.07 19.28 6.36
N VAL B 63 10.28 19.05 5.30
CA VAL B 63 9.96 20.05 4.25
C VAL B 63 8.47 19.91 3.89
N GLU B 64 7.70 20.96 4.10
CA GLU B 64 6.26 21.02 3.76
C GLU B 64 6.11 21.40 2.28
N TRP B 65 5.10 20.85 1.62
CA TRP B 65 4.68 21.24 0.25
C TRP B 65 3.17 21.47 0.23
N SER B 66 2.74 22.46 -0.55
CA SER B 66 1.32 22.65 -0.92
C SER B 66 1.26 23.02 -2.41
N SER B 67 0.19 22.65 -3.09
CA SER B 67 -0.04 23.09 -4.50
C SER B 67 -0.15 24.62 -4.53
N GLU B 68 -0.68 25.23 -3.46
CA GLU B 68 -0.98 26.69 -3.41
C GLU B 68 0.33 27.50 -3.39
N PHE B 69 1.33 27.09 -2.59
CA PHE B 69 2.54 27.90 -2.31
C PHE B 69 3.82 27.16 -2.68
N GLY B 70 3.74 25.87 -3.04
CA GLY B 70 4.90 25.04 -3.43
C GLY B 70 5.66 24.55 -2.21
N TRP B 71 6.97 24.37 -2.36
CA TRP B 71 7.85 23.86 -1.28
C TRP B 71 8.16 24.98 -0.31
N GLU B 72 7.96 24.73 0.98
CA GLU B 72 8.46 25.58 2.08
C GLU B 72 9.99 25.37 2.23
N LYS B 73 10.64 26.20 3.05
CA LYS B 73 12.08 26.05 3.33
C LYS B 73 12.27 24.74 4.10
N PRO B 74 13.39 24.01 3.91
CA PRO B 74 13.63 22.79 4.67
C PRO B 74 14.11 23.13 6.09
N HIS B 75 13.74 22.28 7.06
CA HIS B 75 14.02 22.43 8.50
C HIS B 75 14.77 21.20 9.01
N ILE B 76 15.91 21.41 9.67
CA ILE B 76 16.53 20.41 10.58
C ILE B 76 16.15 20.85 11.99
N LYS B 77 15.42 20.02 12.70
CA LYS B 77 14.90 20.32 14.04
C LYS B 77 14.92 19.05 14.87
N PRO B 78 14.66 19.15 16.19
CA PRO B 78 14.64 17.96 17.04
C PRO B 78 13.57 16.95 16.56
N LEU B 79 13.91 15.67 16.61
CA LEU B 79 12.96 14.55 16.39
C LEU B 79 11.70 14.86 17.18
N GLN B 80 10.54 14.81 16.52
CA GLN B 80 9.23 15.23 17.07
CA GLN B 80 9.25 15.15 17.15
C GLN B 80 8.14 14.37 16.43
N ASN B 81 7.00 14.23 17.11
CA ASN B 81 5.79 13.67 16.49
C ASN B 81 5.40 14.56 15.32
N LEU B 82 4.80 13.97 14.30
CA LEU B 82 4.12 14.71 13.23
C LEU B 82 2.71 15.01 13.70
N SER B 83 2.24 16.23 13.44
CA SER B 83 0.83 16.64 13.61
C SER B 83 0.14 16.56 12.25
N LEU B 84 -0.70 15.55 12.05
CA LEU B 84 -1.33 15.24 10.75
C LEU B 84 -2.84 15.32 10.91
N HIS B 85 -3.50 15.94 9.95
CA HIS B 85 -4.97 15.82 9.79
C HIS B 85 -5.30 14.34 9.65
N PRO B 86 -6.31 13.82 10.39
CA PRO B 86 -6.64 12.40 10.34
C PRO B 86 -7.13 11.93 8.96
N GLY B 87 -7.49 12.88 8.09
CA GLY B 87 -7.87 12.63 6.69
C GLY B 87 -6.66 12.49 5.78
N SER B 88 -5.42 12.66 6.27
CA SER B 88 -4.18 12.63 5.46
C SER B 88 -4.16 11.38 4.57
N SER B 89 -3.96 11.54 3.25
CA SER B 89 -4.13 10.45 2.27
C SER B 89 -3.10 9.35 2.51
N ALA B 90 -1.99 9.66 3.20
CA ALA B 90 -0.96 8.66 3.58
C ALA B 90 -1.58 7.57 4.44
N LEU B 91 -2.54 7.94 5.30
CA LEU B 91 -3.22 7.05 6.28
C LEU B 91 -4.35 6.25 5.65
N HIS B 92 -4.92 6.71 4.54
CA HIS B 92 -6.14 6.12 3.92
C HIS B 92 -5.79 5.32 2.66
N TYR B 93 -4.97 5.87 1.76
CA TYR B 93 -4.75 5.31 0.41
C TYR B 93 -3.25 5.10 0.18
N ALA B 94 -2.47 5.02 1.27
CA ALA B 94 -1.04 4.68 1.20
C ALA B 94 -0.33 5.59 0.19
N VAL B 95 -0.66 6.89 0.22
CA VAL B 95 0.02 7.92 -0.62
C VAL B 95 1.33 8.23 0.10
N GLU B 96 2.31 7.36 -0.11
CA GLU B 96 3.57 7.39 0.67
C GLU B 96 4.66 6.55 -0.01
N LEU B 97 5.90 6.93 0.20
CA LEU B 97 7.06 6.15 -0.25
C LEU B 97 8.22 6.45 0.69
N PHE B 98 9.27 5.65 0.58
CA PHE B 98 10.47 5.82 1.42
C PHE B 98 11.69 5.45 0.60
N GLU B 99 12.84 5.77 1.18
CA GLU B 99 14.14 5.26 0.72
C GLU B 99 14.87 4.73 1.94
N GLY B 100 15.98 4.06 1.67
CA GLY B 100 16.85 3.47 2.68
C GLY B 100 18.27 3.52 2.16
N LEU B 101 19.14 4.19 2.89
CA LEU B 101 20.59 4.18 2.55
C LEU B 101 21.38 4.36 3.85
N LYS B 102 22.68 4.09 3.79
CA LYS B 102 23.54 4.00 4.99
C LYS B 102 24.70 4.99 4.86
N ALA B 103 25.04 5.59 5.99
CA ALA B 103 26.34 6.25 6.23
C ALA B 103 27.26 5.30 7.00
N PHE B 104 28.50 5.15 6.54
CA PHE B 104 29.53 4.27 7.15
C PHE B 104 30.69 5.10 7.66
N ARG B 105 31.05 4.90 8.94
CA ARG B 105 32.29 5.48 9.51
C ARG B 105 33.49 4.62 9.08
N GLY B 106 34.41 5.19 8.32
CA GLY B 106 35.53 4.45 7.70
C GLY B 106 36.63 4.12 8.70
N VAL B 107 37.52 3.22 8.31
CA VAL B 107 38.75 2.87 9.09
C VAL B 107 39.59 4.13 9.25
N ASP B 108 39.46 5.11 8.34
CA ASP B 108 40.17 6.42 8.37
C ASP B 108 39.31 7.44 9.13
N ASN B 109 38.17 7.01 9.68
CA ASN B 109 37.24 7.88 10.45
C ASN B 109 36.58 8.95 9.55
N LYS B 110 36.61 8.79 8.24
CA LYS B 110 35.72 9.56 7.32
C LYS B 110 34.39 8.82 7.17
N ILE B 111 33.29 9.55 7.29
CA ILE B 111 31.92 9.03 7.11
C ILE B 111 31.63 9.09 5.61
N ARG B 112 31.21 7.97 5.06
CA ARG B 112 30.95 7.81 3.61
C ARG B 112 29.48 7.45 3.38
N LEU B 113 28.90 8.00 2.32
CA LEU B 113 27.67 7.51 1.70
C LEU B 113 28.09 6.58 0.57
N PHE B 114 27.18 5.70 0.16
CA PHE B 114 27.40 4.65 -0.86
C PHE B 114 26.37 4.82 -1.97
N GLN B 115 26.80 5.34 -3.13
CA GLN B 115 25.98 5.60 -4.34
C GLN B 115 24.64 6.27 -3.99
N PRO B 116 24.66 7.35 -3.17
CA PRO B 116 23.42 7.94 -2.68
C PRO B 116 22.57 8.57 -3.81
N ASN B 117 23.22 8.96 -4.90
N ASN B 117 23.25 8.96 -4.89
CA ASN B 117 22.52 9.56 -6.08
CA ASN B 117 22.67 9.50 -6.14
C ASN B 117 21.53 8.53 -6.64
C ASN B 117 21.58 8.53 -6.66
N LEU B 118 21.86 7.23 -6.58
CA LEU B 118 20.94 6.16 -7.05
C LEU B 118 19.69 6.13 -6.17
N ASN B 119 19.82 6.31 -4.86
CA ASN B 119 18.62 6.32 -3.97
C ASN B 119 17.77 7.54 -4.31
N MET B 120 18.40 8.69 -4.59
CA MET B 120 17.66 9.94 -4.93
C MET B 120 16.91 9.73 -6.25
N ASP B 121 17.55 9.11 -7.25
CA ASP B 121 16.91 8.79 -8.56
CA ASP B 121 16.90 8.79 -8.55
C ASP B 121 15.66 7.94 -8.31
N ARG B 122 15.77 6.88 -7.52
CA ARG B 122 14.67 5.91 -7.28
C ARG B 122 13.55 6.60 -6.51
N MET B 123 13.90 7.44 -5.54
CA MET B 123 12.89 8.18 -4.71
C MET B 123 12.09 9.15 -5.60
N TYR B 124 12.76 9.87 -6.50
CA TYR B 124 12.15 10.83 -7.45
C TYR B 124 11.17 10.08 -8.36
N ARG B 125 11.62 8.96 -8.93
CA ARG B 125 10.80 8.10 -9.84
C ARG B 125 9.57 7.60 -9.09
N SER B 126 9.74 7.14 -7.86
CA SER B 126 8.63 6.68 -6.99
C SER B 126 7.65 7.82 -6.73
N ALA B 127 8.13 9.03 -6.44
CA ALA B 127 7.28 10.22 -6.22
C ALA B 127 6.37 10.45 -7.44
N VAL B 128 6.96 10.46 -8.65
CA VAL B 128 6.22 10.63 -9.91
C VAL B 128 5.12 9.56 -9.99
N ARG B 129 5.49 8.30 -9.74
N ARG B 129 5.45 8.29 -9.72
CA ARG B 129 4.55 7.14 -9.81
CA ARG B 129 4.47 7.19 -9.88
C ARG B 129 3.43 7.29 -8.77
C ARG B 129 3.47 7.19 -8.71
N ALA B 130 3.74 7.92 -7.62
CA ALA B 130 2.81 8.08 -6.48
C ALA B 130 1.93 9.32 -6.65
N THR B 131 2.28 10.22 -7.59
CA THR B 131 1.70 11.58 -7.83
C THR B 131 2.06 12.51 -6.66
N LEU B 132 3.13 12.21 -5.92
CA LEU B 132 3.69 13.18 -4.93
C LEU B 132 4.52 14.20 -5.68
N PRO B 133 4.65 15.44 -5.15
CA PRO B 133 5.30 16.52 -5.90
C PRO B 133 6.79 16.22 -6.09
N VAL B 134 7.34 16.63 -7.23
CA VAL B 134 8.78 16.37 -7.50
C VAL B 134 9.61 17.41 -6.76
N PHE B 135 10.89 17.12 -6.60
CA PHE B 135 11.86 17.91 -5.83
C PHE B 135 13.21 17.79 -6.54
N ASP B 136 14.09 18.70 -6.21
CA ASP B 136 15.47 18.74 -6.76
C ASP B 136 16.29 17.70 -5.99
N LYS B 137 16.70 16.62 -6.66
CA LYS B 137 17.41 15.46 -6.03
C LYS B 137 18.70 15.92 -5.36
N GLU B 138 19.43 16.85 -5.99
CA GLU B 138 20.73 17.35 -5.48
C GLU B 138 20.48 18.11 -4.18
N GLU B 139 19.39 18.86 -4.10
CA GLU B 139 19.08 19.68 -2.91
C GLU B 139 18.69 18.74 -1.77
N LEU B 140 17.92 17.70 -2.04
CA LEU B 140 17.52 16.74 -0.99
C LEU B 140 18.77 16.06 -0.45
N LEU B 141 19.64 15.57 -1.34
CA LEU B 141 20.89 14.88 -0.92
C LEU B 141 21.70 15.82 -0.05
N GLU B 142 21.81 17.10 -0.42
CA GLU B 142 22.62 18.06 0.37
C GLU B 142 21.95 18.28 1.76
N CYS B 143 20.62 18.41 1.82
CA CYS B 143 19.90 18.52 3.12
C CYS B 143 20.18 17.26 3.97
N ILE B 144 20.18 16.07 3.36
CA ILE B 144 20.46 14.79 4.06
C ILE B 144 21.89 14.84 4.63
N GLN B 145 22.87 15.31 3.84
CA GLN B 145 24.29 15.36 4.28
C GLN B 145 24.39 16.30 5.50
N GLN B 146 23.71 17.45 5.47
CA GLN B 146 23.72 18.43 6.59
C GLN B 146 23.10 17.79 7.85
N LEU B 147 22.05 17.00 7.69
CA LEU B 147 21.36 16.31 8.81
C LEU B 147 22.33 15.30 9.46
N VAL B 148 22.95 14.44 8.65
CA VAL B 148 23.92 13.41 9.09
C VAL B 148 25.13 14.10 9.75
N LYS B 149 25.62 15.20 9.17
CA LYS B 149 26.77 15.94 9.71
C LYS B 149 26.42 16.46 11.12
N LEU B 150 25.23 17.01 11.32
CA LEU B 150 24.81 17.49 12.65
C LEU B 150 24.75 16.31 13.63
N ASP B 151 24.22 15.15 13.19
CA ASP B 151 24.06 13.95 14.05
C ASP B 151 25.22 12.95 13.81
N GLN B 152 26.40 13.41 13.42
CA GLN B 152 27.46 12.50 12.90
C GLN B 152 27.99 11.56 13.99
N GLU B 153 27.91 11.96 15.26
CA GLU B 153 28.38 11.07 16.37
C GLU B 153 27.47 9.85 16.52
N TRP B 154 26.30 9.85 15.86
CA TRP B 154 25.38 8.67 15.81
C TRP B 154 25.87 7.66 14.77
N VAL B 155 26.77 8.04 13.85
CA VAL B 155 27.36 7.07 12.90
C VAL B 155 28.30 6.18 13.72
N PRO B 156 27.96 4.88 13.92
CA PRO B 156 28.68 4.05 14.89
C PRO B 156 30.19 3.92 14.64
N TYR B 157 30.93 3.86 15.74
CA TYR B 157 32.38 3.57 15.75
C TYR B 157 32.55 2.05 15.74
N SER B 158 32.20 1.43 14.61
CA SER B 158 32.29 -0.04 14.42
C SER B 158 32.24 -0.35 12.92
N THR B 159 33.12 -1.24 12.45
CA THR B 159 33.20 -1.62 11.03
C THR B 159 32.16 -2.71 10.70
N SER B 160 31.25 -3.02 11.63
CA SER B 160 30.07 -3.89 11.33
C SER B 160 28.74 -3.15 11.59
N ALA B 161 28.79 -1.84 11.86
CA ALA B 161 27.58 -1.03 12.14
C ALA B 161 27.54 0.17 11.19
N SER B 162 26.39 0.84 11.14
CA SER B 162 26.16 1.96 10.21
C SER B 162 25.01 2.84 10.71
N LEU B 163 24.79 3.98 10.04
CA LEU B 163 23.63 4.86 10.30
C LEU B 163 22.65 4.71 9.15
N TYR B 164 21.45 4.21 9.43
CA TYR B 164 20.37 4.07 8.44
C TYR B 164 19.68 5.43 8.28
N ILE B 165 19.55 5.84 7.02
CA ILE B 165 18.93 7.11 6.58
C ILE B 165 17.59 6.75 5.93
N ARG B 166 16.50 7.30 6.46
CA ARG B 166 15.11 6.97 6.03
C ARG B 166 14.43 8.25 5.54
N PRO B 167 14.65 8.64 4.26
CA PRO B 167 13.81 9.65 3.61
C PRO B 167 12.42 9.05 3.43
N THR B 168 11.40 9.84 3.76
CA THR B 168 9.99 9.42 3.79
C THR B 168 9.17 10.55 3.18
N PHE B 169 8.13 10.22 2.45
CA PHE B 169 7.35 11.20 1.64
C PHE B 169 5.89 10.80 1.72
N ILE B 170 5.05 11.64 2.32
CA ILE B 170 3.65 11.28 2.65
C ILE B 170 2.69 12.35 2.13
N GLY B 171 1.54 11.93 1.60
CA GLY B 171 0.41 12.82 1.31
C GLY B 171 -0.27 13.23 2.60
N THR B 172 -0.48 14.54 2.80
CA THR B 172 -1.06 15.10 4.05
C THR B 172 -2.30 15.94 3.70
N GLU B 173 -2.81 15.75 2.48
CA GLU B 173 -4.11 16.25 1.97
C GLU B 173 -5.21 15.93 2.98
N PRO B 174 -5.87 16.94 3.60
CA PRO B 174 -6.98 16.69 4.53
C PRO B 174 -8.30 16.42 3.81
N SER B 175 -8.35 15.40 2.98
CA SER B 175 -9.49 15.09 2.09
C SER B 175 -9.52 13.59 1.84
N LEU B 176 -10.72 13.00 1.88
CA LEU B 176 -10.93 11.55 1.67
C LEU B 176 -11.03 11.26 0.17
N GLY B 177 -11.10 12.29 -0.68
CA GLY B 177 -11.14 12.07 -2.14
C GLY B 177 -9.90 11.27 -2.58
N VAL B 178 -10.06 10.27 -3.46
CA VAL B 178 -8.92 9.52 -4.04
C VAL B 178 -8.36 10.37 -5.19
N LYS B 179 -7.30 11.12 -4.93
CA LYS B 179 -6.83 12.20 -5.84
C LYS B 179 -5.35 12.46 -5.57
N LYS B 180 -4.67 13.02 -6.58
CA LYS B 180 -3.31 13.60 -6.42
C LYS B 180 -3.34 14.54 -5.22
N PRO B 181 -2.43 14.38 -4.25
CA PRO B 181 -2.45 15.26 -3.08
C PRO B 181 -2.04 16.70 -3.42
N THR B 182 -2.63 17.66 -2.70
CA THR B 182 -2.33 19.12 -2.79
C THR B 182 -1.54 19.56 -1.55
N LYS B 183 -1.18 18.61 -0.70
CA LYS B 183 -0.39 18.85 0.53
C LYS B 183 0.48 17.61 0.77
N ALA B 184 1.74 17.80 1.12
CA ALA B 184 2.66 16.66 1.35
C ALA B 184 3.74 17.08 2.32
N LEU B 185 4.36 16.09 2.96
CA LEU B 185 5.52 16.26 3.86
C LEU B 185 6.62 15.31 3.43
N LEU B 186 7.80 15.85 3.18
CA LEU B 186 9.04 15.06 2.99
C LEU B 186 9.86 15.19 4.27
N PHE B 187 10.21 14.06 4.89
CA PHE B 187 11.00 14.05 6.15
C PHE B 187 12.07 12.98 6.07
N VAL B 188 13.11 13.14 6.87
CA VAL B 188 14.24 12.18 6.95
C VAL B 188 14.46 11.88 8.42
N LEU B 189 14.46 10.58 8.75
CA LEU B 189 14.86 10.02 10.07
C LEU B 189 16.23 9.36 9.94
N LEU B 190 16.99 9.35 11.03
CA LEU B 190 18.27 8.61 11.16
C LEU B 190 18.12 7.58 12.26
N SER B 191 18.66 6.38 12.06
CA SER B 191 18.53 5.26 13.02
C SER B 191 19.78 4.41 12.95
N PRO B 192 20.59 4.31 14.02
CA PRO B 192 21.80 3.49 13.98
C PRO B 192 21.41 2.01 13.90
N VAL B 193 22.18 1.23 13.17
CA VAL B 193 21.98 -0.24 13.07
C VAL B 193 23.31 -0.94 13.40
N GLY B 194 23.21 -1.97 14.24
CA GLY B 194 24.33 -2.84 14.62
C GLY B 194 24.55 -3.91 13.57
N PRO B 195 25.44 -4.90 13.79
CA PRO B 195 25.63 -5.99 12.84
C PRO B 195 24.35 -6.82 12.68
N TYR B 196 23.97 -7.15 11.43
CA TYR B 196 22.78 -7.98 11.10
C TYR B 196 22.93 -9.32 11.83
N PHE B 197 24.16 -9.82 11.87
CA PHE B 197 24.58 -11.05 12.59
C PHE B 197 25.23 -10.67 13.93
N SER B 198 24.57 -11.02 15.04
CA SER B 198 25.05 -10.85 16.44
C SER B 198 26.45 -11.44 16.61
N SER B 199 26.75 -12.56 15.93
CA SER B 199 28.11 -13.20 15.88
C SER B 199 29.13 -12.18 15.39
N GLY B 200 28.77 -11.43 14.35
CA GLY B 200 29.66 -10.55 13.56
C GLY B 200 29.79 -11.07 12.14
N THR B 201 29.81 -12.41 11.98
CA THR B 201 29.83 -13.14 10.70
C THR B 201 28.59 -14.05 10.63
N PHE B 202 28.50 -14.89 9.58
CA PHE B 202 27.26 -15.38 8.91
C PHE B 202 26.36 -16.23 9.82
N ASN B 203 25.09 -15.87 9.91
CA ASN B 203 24.01 -16.71 10.49
C ASN B 203 23.01 -17.02 9.39
N PRO B 204 23.08 -18.22 8.76
CA PRO B 204 22.24 -18.50 7.59
C PRO B 204 20.74 -18.49 7.94
N VAL B 205 19.90 -18.09 6.98
CA VAL B 205 18.43 -17.95 7.21
C VAL B 205 17.69 -19.13 6.55
N SER B 206 16.62 -19.58 7.20
CA SER B 206 15.58 -20.48 6.65
C SER B 206 14.48 -19.60 6.00
N LEU B 207 14.05 -19.97 4.81
CA LEU B 207 13.03 -19.24 4.02
C LEU B 207 11.73 -20.05 3.97
N TRP B 208 10.61 -19.32 4.06
CA TRP B 208 9.23 -19.83 3.89
C TRP B 208 8.76 -19.49 2.48
N ALA B 209 8.54 -20.51 1.66
CA ALA B 209 8.11 -20.41 0.25
C ALA B 209 6.67 -20.93 0.13
N ASN B 210 5.72 -19.99 0.11
CA ASN B 210 4.29 -20.30 -0.07
C ASN B 210 3.81 -19.49 -1.27
N PRO B 211 3.46 -20.15 -2.40
CA PRO B 211 3.03 -19.42 -3.61
C PRO B 211 1.66 -18.73 -3.44
N LYS B 212 0.96 -19.00 -2.33
CA LYS B 212 -0.33 -18.36 -1.99
C LYS B 212 -0.20 -16.84 -1.97
N TYR B 213 0.96 -16.30 -1.57
CA TYR B 213 1.19 -14.84 -1.44
C TYR B 213 2.09 -14.37 -2.58
N VAL B 214 1.77 -13.19 -3.12
CA VAL B 214 2.54 -12.55 -4.21
C VAL B 214 2.88 -11.14 -3.74
N ARG B 215 4.17 -10.83 -3.63
CA ARG B 215 4.64 -9.49 -3.19
C ARG B 215 4.28 -8.41 -4.23
N ALA B 216 4.43 -8.72 -5.52
CA ALA B 216 4.37 -7.75 -6.62
C ALA B 216 4.07 -8.48 -7.92
N TRP B 217 3.51 -7.76 -8.90
CA TRP B 217 2.98 -8.34 -10.17
C TRP B 217 3.41 -7.46 -11.34
N LYS B 218 3.48 -8.05 -12.53
CA LYS B 218 3.64 -7.31 -13.79
C LYS B 218 2.53 -6.25 -13.84
N GLY B 219 2.90 -5.00 -14.04
CA GLY B 219 1.95 -3.87 -14.12
C GLY B 219 1.74 -3.23 -12.76
N GLY B 220 2.48 -3.68 -11.74
CA GLY B 220 2.39 -3.14 -10.37
C GLY B 220 3.54 -2.19 -10.05
N THR B 221 3.81 -1.97 -8.77
CA THR B 221 4.76 -0.95 -8.25
C THR B 221 5.90 -1.64 -7.49
N GLY B 222 6.15 -2.93 -7.77
CA GLY B 222 7.13 -3.76 -7.05
C GLY B 222 8.54 -3.23 -7.19
N ASP B 223 8.81 -2.42 -8.22
CA ASP B 223 10.17 -1.90 -8.50
C ASP B 223 10.38 -0.52 -7.87
N CYS B 224 9.44 -0.07 -7.01
CA CYS B 224 9.46 1.21 -6.26
C CYS B 224 9.34 0.88 -4.77
N LYS B 225 9.85 1.76 -3.90
CA LYS B 225 9.67 1.65 -2.43
C LYS B 225 8.43 2.46 -2.06
N MET B 226 7.27 2.09 -2.59
CA MET B 226 5.99 2.70 -2.19
C MET B 226 5.50 1.89 -0.97
N GLY B 227 5.01 2.57 0.07
CA GLY B 227 4.58 1.95 1.33
C GLY B 227 3.63 0.78 1.09
N GLY B 228 2.72 0.91 0.11
CA GLY B 228 1.71 -0.11 -0.20
C GLY B 228 2.29 -1.46 -0.56
N ASN B 229 3.53 -1.50 -1.04
CA ASN B 229 4.23 -2.76 -1.41
C ASN B 229 4.53 -3.61 -0.16
N TYR B 230 4.52 -3.01 1.05
CA TYR B 230 5.05 -3.66 2.27
C TYR B 230 3.94 -4.06 3.24
N GLY B 231 2.81 -3.33 3.30
CA GLY B 231 1.74 -3.59 4.27
C GLY B 231 1.13 -4.95 4.02
N SER B 232 1.07 -5.34 2.75
CA SER B 232 0.45 -6.61 2.30
C SER B 232 1.34 -7.80 2.65
N SER B 233 2.61 -7.57 3.01
CA SER B 233 3.66 -8.62 3.19
C SER B 233 3.77 -9.10 4.64
N LEU B 234 3.22 -8.36 5.61
CA LEU B 234 3.36 -8.66 7.05
C LEU B 234 2.72 -10.01 7.35
N PHE B 235 1.58 -10.33 6.75
CA PHE B 235 0.87 -11.60 7.04
C PHE B 235 1.76 -12.79 6.66
N ALA B 236 2.40 -12.73 5.48
CA ALA B 236 3.30 -13.79 4.97
C ALA B 236 4.50 -13.97 5.92
N GLN B 237 5.06 -12.87 6.41
CA GLN B 237 6.23 -12.89 7.34
C GLN B 237 5.81 -13.53 8.67
N CYS B 238 4.62 -13.18 9.20
CA CYS B 238 4.08 -13.83 10.42
C CYS B 238 3.94 -15.34 10.18
N GLU B 239 3.47 -15.76 9.01
CA GLU B 239 3.35 -17.20 8.67
C GLU B 239 4.75 -17.85 8.64
N ALA B 240 5.72 -17.19 8.02
CA ALA B 240 7.13 -17.68 7.97
C ALA B 240 7.59 -17.96 9.41
N VAL B 241 7.50 -16.96 10.28
CA VAL B 241 7.96 -17.06 11.69
C VAL B 241 7.19 -18.20 12.39
N ASP B 242 5.88 -18.32 12.14
CA ASP B 242 5.03 -19.39 12.75
C ASP B 242 5.55 -20.77 12.35
N ASN B 243 6.23 -20.88 11.19
CA ASN B 243 6.76 -22.17 10.67
C ASN B 243 8.28 -22.24 10.88
N GLY B 244 8.82 -21.43 11.79
CA GLY B 244 10.22 -21.46 12.22
C GLY B 244 11.18 -20.91 11.16
N CYS B 245 10.72 -20.10 10.20
CA CYS B 245 11.60 -19.45 9.19
C CYS B 245 11.82 -17.97 9.58
N GLN B 246 12.89 -17.35 9.06
CA GLN B 246 13.27 -15.95 9.40
C GLN B 246 12.75 -15.00 8.31
N GLN B 247 12.64 -15.49 7.08
CA GLN B 247 12.34 -14.64 5.90
C GLN B 247 11.38 -15.38 4.97
N VAL B 248 10.69 -14.59 4.15
CA VAL B 248 9.82 -15.13 3.08
C VAL B 248 10.67 -15.27 1.82
N LEU B 249 10.56 -16.41 1.14
CA LEU B 249 10.98 -16.50 -0.28
C LEU B 249 9.77 -16.17 -1.14
N TRP B 250 9.81 -15.02 -1.83
CA TRP B 250 8.70 -14.51 -2.68
C TRP B 250 8.66 -15.29 -3.99
N LEU B 251 7.56 -16.00 -4.21
CA LEU B 251 7.35 -16.83 -5.43
C LEU B 251 6.40 -16.08 -6.37
N TYR B 252 6.58 -16.28 -7.66
CA TYR B 252 5.76 -15.57 -8.68
C TYR B 252 5.42 -16.51 -9.84
N GLY B 253 4.15 -16.48 -10.26
CA GLY B 253 3.69 -17.15 -11.49
C GLY B 253 3.45 -18.63 -11.29
N GLU B 254 2.92 -19.28 -12.32
CA GLU B 254 2.49 -20.70 -12.29
C GLU B 254 3.73 -21.61 -12.17
N ASP B 255 4.92 -21.11 -12.56
CA ASP B 255 6.19 -21.88 -12.56
CA ASP B 255 6.20 -21.85 -12.57
C ASP B 255 6.93 -21.70 -11.23
N HIS B 256 6.36 -20.93 -10.28
CA HIS B 256 7.00 -20.65 -8.97
C HIS B 256 8.43 -20.13 -9.19
N GLN B 257 8.54 -19.01 -9.91
CA GLN B 257 9.79 -18.23 -10.01
C GLN B 257 10.19 -17.76 -8.62
N ILE B 258 11.47 -17.88 -8.28
CA ILE B 258 12.01 -17.33 -7.01
C ILE B 258 12.51 -15.92 -7.32
N THR B 259 12.07 -14.91 -6.56
CA THR B 259 12.21 -13.49 -6.96
C THR B 259 13.07 -12.71 -5.97
N GLU B 260 12.66 -12.68 -4.71
CA GLU B 260 13.33 -11.90 -3.64
C GLU B 260 13.33 -12.70 -2.35
N VAL B 261 14.37 -12.51 -1.56
CA VAL B 261 14.53 -13.05 -0.17
C VAL B 261 14.11 -11.96 0.80
N GLY B 262 12.87 -12.02 1.30
CA GLY B 262 12.31 -10.95 2.14
C GLY B 262 12.39 -9.60 1.44
N THR B 263 13.11 -8.64 2.04
CA THR B 263 13.34 -7.28 1.50
C THR B 263 14.58 -7.25 0.61
N MET B 264 15.20 -8.40 0.31
CA MET B 264 16.55 -8.47 -0.32
C MET B 264 16.45 -9.08 -1.71
N ASN B 265 17.38 -8.73 -2.59
CA ASN B 265 17.55 -9.37 -3.92
C ASN B 265 18.15 -10.77 -3.69
N LEU B 266 17.83 -11.68 -4.60
CA LEU B 266 18.15 -13.13 -4.48
C LEU B 266 19.27 -13.46 -5.46
N PHE B 267 20.33 -14.10 -4.98
CA PHE B 267 21.47 -14.57 -5.81
C PHE B 267 21.66 -16.08 -5.62
N LEU B 268 21.91 -16.76 -6.73
CA LEU B 268 22.17 -18.21 -6.77
C LEU B 268 23.48 -18.44 -7.51
N TYR B 269 24.42 -19.09 -6.81
CA TYR B 269 25.75 -19.46 -7.35
C TYR B 269 25.69 -20.97 -7.54
N TRP B 270 25.79 -21.40 -8.78
CA TRP B 270 25.53 -22.81 -9.16
C TRP B 270 26.22 -23.16 -10.47
N ILE B 271 26.18 -24.44 -10.80
CA ILE B 271 26.44 -24.98 -12.17
C ILE B 271 25.10 -24.99 -12.89
N ASN B 272 24.98 -24.23 -13.98
CA ASN B 272 23.69 -24.05 -14.71
C ASN B 272 23.42 -25.31 -15.54
N GLU B 273 22.35 -25.28 -16.34
CA GLU B 273 21.84 -26.42 -17.16
C GLU B 273 22.86 -26.79 -18.25
N ASP B 274 23.74 -25.86 -18.63
CA ASP B 274 24.78 -26.06 -19.68
C ASP B 274 26.08 -26.56 -19.04
N GLY B 275 26.09 -26.82 -17.74
CA GLY B 275 27.28 -27.29 -17.02
C GLY B 275 28.28 -26.17 -16.75
N GLU B 276 27.84 -24.90 -16.81
CA GLU B 276 28.72 -23.71 -16.60
C GLU B 276 28.54 -23.18 -15.17
N GLU B 277 29.64 -22.85 -14.51
CA GLU B 277 29.65 -22.08 -13.24
C GLU B 277 28.98 -20.73 -13.49
N GLU B 278 27.99 -20.34 -12.68
CA GLU B 278 27.14 -19.15 -12.98
C GLU B 278 26.64 -18.51 -11.68
N LEU B 279 26.71 -17.18 -11.60
CA LEU B 279 25.99 -16.36 -10.60
C LEU B 279 24.73 -15.83 -11.27
N ALA B 280 23.56 -16.26 -10.79
CA ALA B 280 22.26 -15.92 -11.39
C ALA B 280 21.45 -15.08 -10.41
N THR B 281 20.69 -14.12 -10.95
CA THR B 281 19.75 -13.29 -10.16
C THR B 281 18.58 -12.96 -11.08
N PRO B 282 17.35 -12.90 -10.56
CA PRO B 282 16.19 -12.53 -11.38
C PRO B 282 16.38 -11.19 -12.09
N PRO B 283 15.84 -11.08 -13.33
CA PRO B 283 15.93 -9.84 -14.12
C PRO B 283 14.97 -8.74 -13.62
N LEU B 284 15.31 -7.49 -13.94
CA LEU B 284 14.48 -6.32 -13.59
C LEU B 284 13.31 -6.23 -14.57
N ASP B 285 12.28 -7.04 -14.38
CA ASP B 285 11.12 -7.08 -15.30
C ASP B 285 9.91 -6.34 -14.70
N GLY B 286 10.11 -5.52 -13.65
CA GLY B 286 9.01 -4.77 -12.99
C GLY B 286 8.57 -5.34 -11.62
N ILE B 287 8.87 -6.60 -11.29
CA ILE B 287 8.43 -7.24 -10.01
C ILE B 287 9.59 -7.30 -9.00
N ILE B 288 10.78 -6.83 -9.38
CA ILE B 288 12.02 -6.89 -8.56
C ILE B 288 12.38 -5.46 -8.16
N LEU B 289 12.65 -5.20 -6.89
CA LEU B 289 13.28 -3.91 -6.50
C LEU B 289 14.71 -3.88 -7.02
N PRO B 290 15.09 -2.87 -7.85
CA PRO B 290 16.44 -2.76 -8.35
C PRO B 290 17.36 -2.25 -7.23
N GLY B 291 17.78 -3.16 -6.35
CA GLY B 291 18.65 -2.86 -5.20
C GLY B 291 19.98 -2.28 -5.62
N VAL B 292 20.53 -1.39 -4.78
CA VAL B 292 21.90 -0.82 -4.97
C VAL B 292 22.92 -1.97 -4.89
N THR B 293 22.86 -2.81 -3.86
CA THR B 293 23.86 -3.90 -3.68
C THR B 293 23.73 -4.88 -4.86
N ARG B 294 22.52 -5.15 -5.35
CA ARG B 294 22.29 -6.06 -6.51
C ARG B 294 23.14 -5.57 -7.69
N ARG B 295 23.07 -4.29 -8.01
CA ARG B 295 23.74 -3.73 -9.22
C ARG B 295 25.25 -3.80 -8.97
N CYS B 296 25.70 -3.49 -7.76
CA CYS B 296 27.15 -3.55 -7.39
C CYS B 296 27.70 -4.97 -7.57
N ILE B 297 26.97 -5.97 -7.11
CA ILE B 297 27.40 -7.40 -7.12
C ILE B 297 27.52 -7.86 -8.57
N LEU B 298 26.57 -7.48 -9.43
CA LEU B 298 26.62 -7.81 -10.87
C LEU B 298 27.84 -7.12 -11.48
N ASP B 299 28.09 -5.85 -11.13
CA ASP B 299 29.26 -5.06 -11.62
C ASP B 299 30.55 -5.80 -11.23
N LEU B 300 30.66 -6.21 -9.96
CA LEU B 300 31.86 -6.91 -9.42
C LEU B 300 32.03 -8.25 -10.15
N ALA B 301 30.95 -9.03 -10.28
CA ALA B 301 30.99 -10.38 -10.89
C ALA B 301 31.39 -10.25 -12.37
N HIS B 302 30.89 -9.25 -13.10
CA HIS B 302 31.33 -8.98 -14.49
C HIS B 302 32.84 -8.62 -14.48
N GLN B 303 33.26 -7.72 -13.60
CA GLN B 303 34.68 -7.26 -13.53
C GLN B 303 35.59 -8.47 -13.31
N TRP B 304 35.24 -9.37 -12.39
CA TRP B 304 36.13 -10.51 -12.02
C TRP B 304 36.26 -11.48 -13.20
N GLY B 305 35.19 -11.70 -13.96
CA GLY B 305 35.19 -12.53 -15.18
C GLY B 305 35.61 -13.98 -14.92
N GLU B 306 35.25 -14.55 -13.76
CA GLU B 306 35.71 -15.91 -13.33
C GLU B 306 34.60 -16.94 -13.54
N PHE B 307 33.37 -16.48 -13.76
CA PHE B 307 32.20 -17.34 -14.02
C PHE B 307 31.17 -16.50 -14.78
N LYS B 308 30.19 -17.18 -15.36
CA LYS B 308 29.08 -16.56 -16.13
C LYS B 308 28.20 -15.80 -15.13
N VAL B 309 27.68 -14.65 -15.57
CA VAL B 309 26.81 -13.75 -14.78
C VAL B 309 25.52 -13.57 -15.58
N SER B 310 24.40 -14.09 -15.07
CA SER B 310 23.10 -14.13 -15.78
C SER B 310 22.02 -13.48 -14.92
N GLU B 311 21.39 -12.45 -15.48
CA GLU B 311 20.07 -11.97 -15.02
C GLU B 311 19.05 -12.83 -15.78
N ARG B 312 18.42 -13.77 -15.08
CA ARG B 312 17.58 -14.81 -15.70
C ARG B 312 16.54 -15.26 -14.68
N TYR B 313 15.46 -15.84 -15.18
CA TYR B 313 14.42 -16.47 -14.33
C TYR B 313 15.02 -17.72 -13.69
N LEU B 314 14.65 -17.93 -12.44
CA LEU B 314 14.96 -19.14 -11.65
C LEU B 314 13.67 -19.63 -11.01
N THR B 315 13.34 -20.92 -11.15
CA THR B 315 12.14 -21.52 -10.56
C THR B 315 12.54 -22.45 -9.41
N MET B 316 11.59 -22.77 -8.54
CA MET B 316 11.78 -23.79 -7.49
C MET B 316 12.23 -25.10 -8.14
N ASP B 317 11.69 -25.44 -9.31
CA ASP B 317 12.02 -26.69 -10.02
C ASP B 317 13.47 -26.61 -10.54
N ASP B 318 13.91 -25.46 -11.06
CA ASP B 318 15.34 -25.26 -11.44
C ASP B 318 16.21 -25.60 -10.22
N LEU B 319 15.84 -25.08 -9.06
CA LEU B 319 16.64 -25.18 -7.82
C LEU B 319 16.66 -26.64 -7.31
N THR B 320 15.51 -27.30 -7.20
CA THR B 320 15.44 -28.69 -6.66
C THR B 320 16.12 -29.65 -7.64
N THR B 321 15.98 -29.40 -8.94
CA THR B 321 16.69 -30.22 -9.97
C THR B 321 18.20 -30.05 -9.77
N ALA B 322 18.68 -28.82 -9.60
CA ALA B 322 20.12 -28.53 -9.39
C ALA B 322 20.63 -29.19 -8.11
N LEU B 323 19.84 -29.13 -7.03
CA LEU B 323 20.21 -29.73 -5.72
C LEU B 323 20.40 -31.24 -5.86
N GLU B 324 19.46 -31.91 -6.54
CA GLU B 324 19.51 -33.36 -6.81
C GLU B 324 20.80 -33.68 -7.57
N GLY B 325 21.27 -32.77 -8.42
CA GLY B 325 22.51 -32.96 -9.20
C GLY B 325 23.76 -32.41 -8.52
N ASN B 326 23.69 -32.01 -7.25
CA ASN B 326 24.82 -31.38 -6.50
CA ASN B 326 24.79 -31.35 -6.48
C ASN B 326 25.41 -30.23 -7.32
N ARG B 327 24.57 -29.44 -7.98
CA ARG B 327 25.01 -28.31 -8.84
C ARG B 327 24.93 -26.98 -8.07
N VAL B 328 24.27 -26.93 -6.90
CA VAL B 328 24.15 -25.66 -6.14
C VAL B 328 25.38 -25.52 -5.23
N ARG B 329 25.98 -24.33 -5.25
CA ARG B 329 27.11 -23.97 -4.36
CA ARG B 329 27.11 -23.99 -4.35
C ARG B 329 26.58 -23.06 -3.24
N GLU B 330 26.01 -21.90 -3.61
CA GLU B 330 25.60 -20.88 -2.62
C GLU B 330 24.31 -20.18 -3.04
N MET B 331 23.45 -19.84 -2.06
CA MET B 331 22.30 -18.93 -2.23
C MET B 331 22.38 -17.85 -1.15
N PHE B 332 22.26 -16.58 -1.51
CA PHE B 332 22.25 -15.48 -0.53
C PHE B 332 21.32 -14.35 -0.97
N GLY B 333 20.75 -13.65 0.02
CA GLY B 333 20.12 -12.34 -0.19
C GLY B 333 21.15 -11.25 -0.15
N SER B 334 20.88 -10.14 -0.82
CA SER B 334 21.70 -8.91 -0.75
C SER B 334 20.77 -7.69 -0.82
N GLY B 335 20.95 -6.76 0.11
CA GLY B 335 20.20 -5.51 0.15
C GLY B 335 20.67 -4.64 1.28
N THR B 336 20.02 -3.49 1.46
CA THR B 336 20.39 -2.50 2.50
C THR B 336 20.45 -3.16 3.87
N ALA B 337 19.53 -4.10 4.16
CA ALA B 337 19.37 -4.78 5.47
C ALA B 337 20.62 -5.60 5.79
N CYS B 338 21.15 -6.28 4.76
CA CYS B 338 22.21 -7.29 4.88
C CYS B 338 22.95 -7.36 3.54
N VAL B 339 24.16 -6.82 3.49
CA VAL B 339 25.05 -6.83 2.31
C VAL B 339 25.00 -8.21 1.67
N VAL B 340 25.29 -9.26 2.45
CA VAL B 340 25.24 -10.69 2.01
C VAL B 340 24.60 -11.52 3.11
N CYS B 341 23.47 -12.18 2.84
CA CYS B 341 22.75 -13.02 3.82
C CYS B 341 22.58 -14.43 3.28
N PRO B 342 23.47 -15.35 3.67
CA PRO B 342 23.38 -16.74 3.24
C PRO B 342 22.08 -17.41 3.64
N VAL B 343 21.60 -18.27 2.75
CA VAL B 343 20.37 -19.10 2.91
C VAL B 343 20.81 -20.56 3.07
N SER B 344 20.32 -21.22 4.12
CA SER B 344 20.63 -22.63 4.44
C SER B 344 19.47 -23.56 4.08
N ASP B 345 18.23 -23.06 4.08
CA ASP B 345 17.04 -23.95 3.97
C ASP B 345 15.84 -23.19 3.41
N ILE B 346 14.97 -23.92 2.72
CA ILE B 346 13.68 -23.44 2.16
C ILE B 346 12.60 -24.45 2.54
N LEU B 347 11.52 -23.99 3.19
CA LEU B 347 10.31 -24.80 3.45
C LEU B 347 9.32 -24.60 2.30
N TYR B 348 8.97 -25.67 1.61
CA TYR B 348 8.23 -25.64 0.32
C TYR B 348 7.46 -26.95 0.16
N LYS B 349 6.14 -26.83 -0.02
CA LYS B 349 5.22 -27.98 -0.20
C LYS B 349 5.41 -28.96 0.97
N GLY B 350 5.54 -28.42 2.20
CA GLY B 350 5.56 -29.21 3.44
C GLY B 350 6.88 -29.93 3.67
N GLU B 351 7.94 -29.63 2.93
CA GLU B 351 9.25 -30.30 3.14
C GLU B 351 10.34 -29.23 3.30
N THR B 352 11.38 -29.56 4.06
CA THR B 352 12.54 -28.67 4.28
C THR B 352 13.60 -29.06 3.25
N ILE B 353 13.99 -28.11 2.43
CA ILE B 353 15.01 -28.31 1.37
C ILE B 353 16.28 -27.64 1.85
N HIS B 354 17.35 -28.41 2.02
CA HIS B 354 18.63 -27.86 2.50
C HIS B 354 19.40 -27.26 1.34
N ILE B 355 19.92 -26.05 1.53
CA ILE B 355 20.82 -25.38 0.54
C ILE B 355 22.22 -25.42 1.14
N PRO B 356 23.23 -25.96 0.42
CA PRO B 356 24.55 -26.20 1.02
C PRO B 356 25.51 -24.99 0.99
N THR B 357 24.96 -23.77 1.02
CA THR B 357 25.73 -22.49 1.05
C THR B 357 26.89 -22.57 2.06
N MET B 358 26.59 -22.87 3.32
CA MET B 358 27.59 -22.80 4.42
C MET B 358 28.62 -23.94 4.29
N GLU B 359 28.31 -25.00 3.55
CA GLU B 359 29.24 -26.14 3.34
C GLU B 359 30.12 -25.87 2.11
N ASN B 360 29.93 -24.76 1.41
CA ASN B 360 30.74 -24.42 0.21
C ASN B 360 31.51 -23.13 0.49
N GLY B 361 31.78 -22.86 1.76
CA GLY B 361 32.62 -21.73 2.22
C GLY B 361 31.89 -20.93 3.28
N PRO B 362 30.92 -20.05 2.92
CA PRO B 362 30.56 -19.78 1.53
C PRO B 362 31.56 -18.83 0.84
N LYS B 363 32.29 -19.33 -0.16
CA LYS B 363 33.45 -18.63 -0.77
C LYS B 363 33.02 -17.34 -1.49
N LEU B 364 32.02 -17.42 -2.36
CA LEU B 364 31.60 -16.23 -3.16
C LEU B 364 30.95 -15.21 -2.22
N ALA B 365 30.02 -15.65 -1.37
CA ALA B 365 29.34 -14.79 -0.38
C ALA B 365 30.41 -14.07 0.45
N SER B 366 31.46 -14.77 0.88
CA SER B 366 32.52 -14.18 1.75
C SER B 366 33.31 -13.16 0.95
N ARG B 367 33.66 -13.49 -0.30
CA ARG B 367 34.44 -12.59 -1.18
C ARG B 367 33.63 -11.31 -1.41
N ILE B 368 32.34 -11.42 -1.69
CA ILE B 368 31.46 -10.25 -1.96
C ILE B 368 31.36 -9.40 -0.68
N LEU B 369 31.11 -10.02 0.49
CA LEU B 369 31.02 -9.27 1.78
C LEU B 369 32.31 -8.49 2.00
N SER B 370 33.46 -9.15 1.86
CA SER B 370 34.78 -8.51 2.07
C SER B 370 34.93 -7.32 1.12
N LYS B 371 34.61 -7.50 -0.16
CA LYS B 371 34.81 -6.44 -1.18
C LYS B 371 33.92 -5.22 -0.86
N LEU B 372 32.63 -5.45 -0.62
CA LEU B 372 31.66 -4.34 -0.42
C LEU B 372 31.98 -3.62 0.89
N THR B 373 32.30 -4.34 1.97
CA THR B 373 32.62 -3.70 3.28
C THR B 373 33.95 -2.95 3.16
N ASP B 374 34.92 -3.47 2.40
CA ASP B 374 36.20 -2.75 2.15
C ASP B 374 35.89 -1.39 1.51
N ILE B 375 34.97 -1.36 0.55
CA ILE B 375 34.56 -0.11 -0.15
C ILE B 375 33.80 0.79 0.82
N GLN B 376 32.79 0.27 1.51
CA GLN B 376 31.90 1.04 2.41
C GLN B 376 32.69 1.72 3.51
N TYR B 377 33.69 1.04 4.09
CA TYR B 377 34.46 1.50 5.27
C TYR B 377 35.80 2.11 4.82
N GLY B 378 35.97 2.35 3.51
CA GLY B 378 37.08 3.15 2.98
C GLY B 378 38.43 2.47 3.10
N ARG B 379 38.46 1.13 3.17
CA ARG B 379 39.73 0.35 3.15
C ARG B 379 40.28 0.36 1.72
N GLU B 380 39.46 0.71 0.72
CA GLU B 380 39.93 0.99 -0.65
C GLU B 380 39.10 2.13 -1.26
N GLU B 381 39.71 2.85 -2.21
CA GLU B 381 39.08 3.95 -2.97
C GLU B 381 37.97 3.38 -3.84
N ARG B 382 36.92 4.15 -4.07
CA ARG B 382 35.85 3.75 -5.02
C ARG B 382 35.10 4.98 -5.51
N ASP B 383 34.68 4.93 -6.78
CA ASP B 383 33.65 5.82 -7.37
C ASP B 383 32.32 5.66 -6.61
N TRP B 384 32.11 4.55 -5.91
CA TRP B 384 30.81 4.22 -5.28
C TRP B 384 30.62 4.94 -3.95
N THR B 385 31.65 5.57 -3.40
CA THR B 385 31.51 6.23 -2.09
C THR B 385 31.81 7.71 -2.23
N ILE B 386 31.19 8.49 -1.34
CA ILE B 386 31.35 9.96 -1.23
C ILE B 386 31.59 10.26 0.24
N VAL B 387 32.60 11.05 0.55
CA VAL B 387 32.89 11.51 1.94
C VAL B 387 31.89 12.62 2.28
N LEU B 388 31.29 12.56 3.47
CA LEU B 388 30.19 13.46 3.94
C LEU B 388 30.61 14.92 3.81
N SER B 389 29.66 15.77 3.35
CA SER B 389 29.75 17.25 3.20
C SER B 389 30.36 17.89 4.45
C4 UUZ C . -16.12 9.28 -4.40
C5 UUZ C . -16.97 9.01 -3.32
C6 UUZ C . -16.72 7.90 -2.51
C7 UUZ C . -16.35 10.39 -5.23
C8 UUZ C . -17.44 11.22 -4.97
C10 UUZ C . -18.06 9.85 -3.08
N12 UUZ C . -14.20 8.71 -5.72
C15 UUZ C . -13.14 5.97 -1.44
C17 UUZ C . -11.86 3.99 -1.94
C20 UUZ C . -13.20 7.41 -0.90
C21 UUZ C . -14.58 8.21 -6.96
C24 UUZ C . -13.05 9.45 -5.58
C26 UUZ C . -12.25 9.69 -6.69
C28 UUZ C . -11.82 9.38 -9.24
C16 UUZ C . -11.93 5.29 -1.45
C18 UUZ C . -13.02 3.37 -2.40
C19 UUZ C . -14.24 4.05 -2.40
C14 UUZ C . -14.29 5.35 -1.92
O13 UUZ C . -15.48 5.99 -1.91
C1 UUZ C . -15.64 7.05 -2.76
C2 UUZ C . -14.80 7.32 -3.85
CL1 UUZ C . -17.72 7.51 -1.15
C9 UUZ C . -18.29 10.96 -3.90
C3 UUZ C . -15.03 8.44 -4.65
O25 UUZ C . -12.75 9.90 -4.47
C27 UUZ C . -12.62 9.18 -7.94
F30 UUZ C . -11.57 8.19 -9.76
F31 UUZ C . -10.69 10.07 -8.98
F29 UUZ C . -12.57 10.04 -10.13
N22 UUZ C . -13.80 8.45 -8.07
O23 UUZ C . -15.62 7.56 -7.09
N1 PLP D . -14.17 -1.38 -5.47
C2 PLP D . -13.17 -1.01 -4.68
C2A PLP D . -11.76 -1.23 -5.14
C3 PLP D . -13.44 -0.40 -3.43
O3 PLP D . -12.40 -0.04 -2.66
C4 PLP D . -14.78 -0.20 -3.02
C4A PLP D . -15.01 0.39 -1.69
C5 PLP D . -15.80 -0.63 -3.89
C6 PLP D . -15.44 -1.21 -5.08
C5A PLP D . -17.26 -0.44 -3.59
O4P PLP D . -17.70 -1.22 -2.44
P PLP D . -18.93 -0.70 -1.57
O1P PLP D . -20.22 -1.09 -2.31
O2P PLP D . -18.74 -1.47 -0.23
O3P PLP D . -18.77 0.80 -1.44
MG MG E . -13.03 -9.34 -31.89
C4 UUZ F . 16.13 -4.94 8.32
C5 UUZ F . 17.06 -3.92 8.10
C6 UUZ F . 16.83 -3.02 7.06
C7 UUZ F . 16.35 -5.86 9.37
C8 UUZ F . 17.49 -5.75 10.18
C10 UUZ F . 18.20 -3.82 8.92
N12 UUZ F . 14.09 -6.07 7.71
C15 UUZ F . 13.29 -1.82 5.14
C17 UUZ F . 12.13 -2.24 3.08
C20 UUZ F . 13.30 -1.36 6.60
C21 UUZ F . 14.33 -7.27 7.01
C24 UUZ F . 12.98 -5.96 8.57
C26 UUZ F . 12.11 -7.02 8.75
C28 UUZ F . 11.44 -9.44 8.20
C16 UUZ F . 12.10 -1.83 4.41
C18 UUZ F . 13.32 -2.65 2.47
C19 UUZ F . 14.50 -2.64 3.21
C14 UUZ F . 14.46 -2.22 4.54
O13 UUZ F . 15.60 -2.21 5.26
C1 UUZ F . 15.72 -3.13 6.24
C2 UUZ F . 14.79 -4.14 6.46
CL1 UUZ F . 17.91 -1.73 6.68
C9 UUZ F . 18.40 -4.73 9.96
C3 UUZ F . 15.00 -5.03 7.51
O25 UUZ F . 12.80 -4.90 9.17
C27 UUZ F . 12.35 -8.22 8.05
F30 UUZ F . 10.98 -9.79 6.99
F31 UUZ F . 10.42 -9.21 9.00
F29 UUZ F . 12.17 -10.44 8.71
N22 UUZ F . 13.44 -8.33 7.20
O23 UUZ F . 15.30 -7.37 6.26
MG MG G . 18.61 22.69 -8.91
#